data_4N8C
#
_entry.id   4N8C
#
_cell.length_a   40.353
_cell.length_b   72.276
_cell.length_c   78.446
_cell.angle_alpha   86.880
_cell.angle_beta   77.530
_cell.angle_gamma   84.630
#
_symmetry.space_group_name_H-M   'P 1'
#
loop_
_entity.id
_entity.type
_entity.pdbx_description
1 polymer 'Heavy chain of monoclonal antibody'
2 polymer 'Light chain of monoclonal antibody'
3 polymer 'Extracellular domain of influenza Matrix protein 2'
4 water water
#
loop_
_entity_poly.entity_id
_entity_poly.type
_entity_poly.pdbx_seq_one_letter_code
_entity_poly.pdbx_strand_id
1 'polypeptide(L)'
;QVQLQQSGPEVVRPGVSVRISCKGSGYTFTDYAMHWVKQSHAKSLDWIGVIGTDNGNTNYNQKFKGKATMTVDKSSNTAY
MELGRLTSEDSAIYYCARRDRDDVWFAYWGQGTLVTVSAAKTTAPSVYPLAPVCGDTTGSSVTLGCLVKGYFPEPVTLTW
NSGSLSSGVHTFPAVLQSDLYTLSSSVTVTSSTWPSQSITCNVAHPASSTKVDKKIEPRGP
;
H,I
2 'polypeptide(L)'
;DIVMSQSPSSLAVSVGEKVSMSCKSSQSLFYSSYQKDLLAWYQQKPGQSPKLLIYWASTRESGVPDRFTGSGSGTDFTLT
ISSVKAEDLAVYFCQQYYTYPLTFGAGTKLELKRADAAPTVSIFPPSSEQLTSGGASVVCFLNNFYPKDINVKWKIDGSE
RQNGVLNSWTDQDSKDSTYSMSSTLTLTKDEYERHNSYTCEATHKTSTSPIVKSFNRNEC
;
L,M
3 'polypeptide(L)' MSLLTEVETPIRNEWGCRCNDSS X,Y
#
# COMPACT_ATOMS: atom_id res chain seq x y z
N GLN A 1 -33.34 -2.40 14.41
CA GLN A 1 -33.14 -2.05 15.83
C GLN A 1 -32.28 -3.15 16.48
N VAL A 2 -31.27 -3.62 15.75
CA VAL A 2 -30.24 -4.53 16.30
C VAL A 2 -29.50 -3.84 17.44
N GLN A 3 -29.48 -4.52 18.59
CA GLN A 3 -28.79 -4.02 19.79
C GLN A 3 -27.99 -5.19 20.39
N LEU A 4 -26.77 -4.88 20.78
CA LEU A 4 -25.93 -5.79 21.55
C LEU A 4 -25.65 -5.08 22.88
N GLN A 5 -26.24 -5.65 23.94
CA GLN A 5 -26.22 -5.07 25.26
C GLN A 5 -25.27 -5.86 26.18
N GLN A 6 -24.20 -5.22 26.60
CA GLN A 6 -23.19 -5.89 27.41
C GLN A 6 -23.37 -5.62 28.92
N SER A 7 -22.87 -6.55 29.74
CA SER A 7 -22.83 -6.37 31.20
C SER A 7 -21.92 -5.25 31.64
N GLY A 8 -22.05 -4.80 32.90
CA GLY A 8 -21.40 -3.61 33.31
C GLY A 8 -19.96 -3.82 33.69
N PRO A 9 -19.29 -2.75 34.18
CA PRO A 9 -17.87 -2.86 34.41
C PRO A 9 -17.52 -3.83 35.58
N GLU A 10 -16.34 -4.41 35.54
CA GLU A 10 -15.89 -5.42 36.52
C GLU A 10 -14.53 -5.04 37.05
N VAL A 11 -14.41 -5.02 38.36
CA VAL A 11 -13.10 -4.98 39.04
C VAL A 11 -12.83 -6.35 39.65
N VAL A 12 -11.76 -7.00 39.22
CA VAL A 12 -11.52 -8.41 39.53
C VAL A 12 -10.11 -8.59 40.06
N ARG A 13 -9.96 -9.43 41.11
CA ARG A 13 -8.64 -9.66 41.64
C ARG A 13 -7.79 -10.47 40.68
N PRO A 14 -6.48 -10.32 40.73
CA PRO A 14 -5.64 -11.16 39.90
C PRO A 14 -5.83 -12.66 40.30
N GLY A 15 -5.71 -13.54 39.31
CA GLY A 15 -5.78 -14.98 39.57
C GLY A 15 -7.13 -15.65 39.58
N VAL A 16 -8.21 -14.88 39.52
CA VAL A 16 -9.54 -15.40 39.43
C VAL A 16 -10.07 -15.14 38.01
N SER A 17 -11.26 -15.62 37.74
CA SER A 17 -11.88 -15.51 36.41
C SER A 17 -13.08 -14.59 36.47
N VAL A 18 -13.49 -14.06 35.31
CA VAL A 18 -14.66 -13.17 35.24
C VAL A 18 -15.52 -13.60 34.06
N ARG A 19 -16.86 -13.49 34.23
CA ARG A 19 -17.82 -13.89 33.22
C ARG A 19 -18.60 -12.62 32.81
N ILE A 20 -18.49 -12.29 31.53
CA ILE A 20 -19.15 -11.12 30.95
C ILE A 20 -20.20 -11.55 29.92
N SER A 21 -21.27 -10.72 29.75
CA SER A 21 -22.36 -11.15 28.88
C SER A 21 -22.71 -10.11 27.82
N CYS A 22 -23.38 -10.60 26.81
CA CYS A 22 -23.74 -9.82 25.59
C CYS A 22 -25.06 -10.35 25.10
N LYS A 23 -26.13 -9.56 25.27
CA LYS A 23 -27.49 -9.98 24.89
C LYS A 23 -27.82 -9.32 23.56
N GLY A 24 -28.14 -10.15 22.57
CA GLY A 24 -28.55 -9.70 21.22
C GLY A 24 -30.06 -9.57 21.14
N SER A 25 -30.54 -8.39 20.74
CA SER A 25 -31.98 -8.20 20.55
C SER A 25 -32.25 -7.55 19.18
N GLY A 26 -33.49 -7.60 18.69
CA GLY A 26 -33.83 -6.92 17.41
C GLY A 26 -33.45 -7.69 16.17
N TYR A 27 -33.13 -8.96 16.34
CA TYR A 27 -32.79 -9.83 15.25
C TYR A 27 -32.85 -11.28 15.71
N THR A 28 -32.77 -12.17 14.73
CA THR A 28 -32.80 -13.59 14.93
C THR A 28 -31.40 -14.02 15.44
N PHE A 29 -31.34 -14.21 16.76
CA PHE A 29 -30.07 -14.47 17.48
C PHE A 29 -29.22 -15.57 16.84
N THR A 30 -29.84 -16.69 16.49
CA THR A 30 -29.18 -17.84 15.87
C THR A 30 -28.74 -17.76 14.42
N ASP A 31 -29.06 -16.65 13.75
CA ASP A 31 -28.68 -16.45 12.37
C ASP A 31 -27.27 -15.82 12.24
N TYR A 32 -26.66 -15.38 13.34
CA TYR A 32 -25.36 -14.69 13.30
C TYR A 32 -24.50 -15.13 14.47
N ALA A 33 -23.27 -15.52 14.22
CA ALA A 33 -22.41 -15.86 15.33
C ALA A 33 -22.11 -14.66 16.18
N MET A 34 -21.52 -14.88 17.36
CA MET A 34 -21.10 -13.74 18.21
C MET A 34 -19.59 -13.78 18.31
N HIS A 35 -18.97 -12.63 18.03
CA HIS A 35 -17.55 -12.43 18.09
C HIS A 35 -17.20 -11.54 19.25
N TRP A 36 -15.98 -11.69 19.75
CA TRP A 36 -15.50 -10.90 20.82
C TRP A 36 -14.17 -10.29 20.50
N VAL A 37 -13.98 -9.06 20.96
CA VAL A 37 -12.88 -8.21 20.61
C VAL A 37 -12.33 -7.52 21.86
N LYS A 38 -11.02 -7.57 22.02
CA LYS A 38 -10.32 -6.89 23.11
C LYS A 38 -9.75 -5.58 22.63
N GLN A 39 -9.90 -4.54 23.43
CA GLN A 39 -9.22 -3.28 23.18
C GLN A 39 -8.50 -2.84 24.45
N SER A 40 -7.21 -2.98 24.46
CA SER A 40 -6.42 -2.49 25.60
C SER A 40 -6.40 -0.98 25.54
N HIS A 41 -6.43 -0.33 26.69
CA HIS A 41 -6.58 1.14 26.67
C HIS A 41 -5.46 1.80 25.84
N ALA A 42 -5.88 2.77 25.01
CA ALA A 42 -5.03 3.45 24.02
C ALA A 42 -4.43 2.52 22.94
N LYS A 43 -4.93 1.29 22.87
CA LYS A 43 -4.33 0.27 22.00
C LYS A 43 -5.19 -0.09 20.79
N SER A 44 -4.90 -1.24 20.18
CA SER A 44 -5.59 -1.66 19.04
C SER A 44 -6.62 -2.66 19.51
N LEU A 45 -7.23 -3.18 18.51
CA LEU A 45 -8.25 -4.15 18.59
C LEU A 45 -7.68 -5.51 18.27
N ASP A 46 -8.09 -6.50 19.08
CA ASP A 46 -7.68 -7.88 18.90
C ASP A 46 -8.95 -8.76 18.90
N TRP A 47 -9.10 -9.55 17.87
CA TRP A 47 -10.19 -10.49 17.81
C TRP A 47 -9.85 -11.69 18.71
N ILE A 48 -10.73 -11.98 19.65
CA ILE A 48 -10.52 -13.06 20.58
C ILE A 48 -11.01 -14.40 20.03
N GLY A 49 -12.18 -14.36 19.39
CA GLY A 49 -12.77 -15.58 18.81
C GLY A 49 -14.21 -15.42 18.48
N VAL A 50 -14.82 -16.53 18.13
CA VAL A 50 -16.21 -16.58 17.65
C VAL A 50 -16.90 -17.79 18.23
N ILE A 51 -18.19 -17.64 18.57
CA ILE A 51 -19.02 -18.78 18.94
C ILE A 51 -20.26 -18.83 18.04
N GLY A 52 -20.56 -19.99 17.49
CA GLY A 52 -21.80 -20.16 16.75
C GLY A 52 -22.95 -20.14 17.71
N THR A 53 -23.91 -19.25 17.46
CA THR A 53 -25.08 -19.13 18.34
C THR A 53 -26.06 -20.26 18.16
N ASP A 54 -26.00 -20.84 16.98
CA ASP A 54 -26.85 -22.00 16.61
C ASP A 54 -26.22 -23.28 17.12
N ASN A 55 -24.97 -23.54 16.75
CA ASN A 55 -24.28 -24.83 17.03
C ASN A 55 -23.45 -24.89 18.35
N GLY A 56 -23.18 -23.73 18.94
CA GLY A 56 -22.36 -23.63 20.15
C GLY A 56 -20.88 -23.89 19.96
N ASN A 57 -20.48 -24.06 18.72
CA ASN A 57 -19.06 -24.38 18.42
C ASN A 57 -18.27 -23.11 18.54
N THR A 58 -17.00 -23.27 18.87
CA THR A 58 -16.12 -22.15 19.08
C THR A 58 -14.86 -22.19 18.30
N ASN A 59 -14.28 -21.02 18.11
CA ASN A 59 -12.98 -20.93 17.39
C ASN A 59 -12.28 -19.73 18.01
N TYR A 60 -11.20 -20.00 18.72
CA TYR A 60 -10.47 -18.98 19.44
C TYR A 60 -9.19 -18.64 18.69
N ASN A 61 -8.89 -17.36 18.67
CA ASN A 61 -7.57 -16.90 18.30
C ASN A 61 -6.57 -17.60 19.21
N GLN A 62 -5.54 -18.24 18.60
CA GLN A 62 -4.56 -18.95 19.42
C GLN A 62 -3.87 -18.09 20.48
N LYS A 63 -3.78 -16.77 20.25
CA LYS A 63 -3.30 -15.78 21.24
C LYS A 63 -4.12 -15.79 22.56
N PHE A 64 -5.36 -16.24 22.49
CA PHE A 64 -6.30 -16.27 23.63
C PHE A 64 -6.74 -17.66 24.04
N LYS A 65 -6.19 -18.70 23.39
CA LYS A 65 -6.42 -20.06 23.83
C LYS A 65 -6.01 -20.21 25.29
N GLY A 66 -6.93 -20.71 26.10
CA GLY A 66 -6.64 -20.99 27.48
C GLY A 66 -6.78 -19.75 28.33
N LYS A 67 -7.04 -18.60 27.73
CA LYS A 67 -7.41 -17.39 28.47
C LYS A 67 -8.93 -17.17 28.41
N ALA A 68 -9.46 -17.29 27.20
CA ALA A 68 -10.88 -17.06 26.95
C ALA A 68 -11.66 -18.33 26.63
N THR A 69 -12.86 -18.42 27.22
CA THR A 69 -13.90 -19.41 26.94
C THR A 69 -15.15 -18.64 26.49
N MET A 70 -15.89 -19.16 25.52
CA MET A 70 -17.15 -18.58 25.10
C MET A 70 -18.25 -19.62 25.21
N THR A 71 -19.44 -19.16 25.64
CA THR A 71 -20.66 -19.97 25.76
C THR A 71 -21.83 -19.12 25.31
N VAL A 72 -22.97 -19.79 25.10
CA VAL A 72 -24.20 -19.10 24.67
C VAL A 72 -25.37 -19.80 25.38
N ASP A 73 -26.38 -18.99 25.72
CA ASP A 73 -27.71 -19.43 26.20
C ASP A 73 -28.71 -18.98 25.12
N LYS A 74 -29.00 -19.85 24.19
CA LYS A 74 -29.87 -19.51 23.06
C LYS A 74 -31.20 -19.05 23.58
N SER A 75 -31.69 -19.70 24.62
CA SER A 75 -33.02 -19.38 25.18
C SER A 75 -33.16 -17.92 25.65
N SER A 76 -32.01 -17.29 25.92
CA SER A 76 -31.86 -15.97 26.48
C SER A 76 -31.30 -14.91 25.48
N ASN A 77 -31.05 -15.35 24.25
CA ASN A 77 -30.30 -14.57 23.29
C ASN A 77 -29.07 -13.93 23.94
N THR A 78 -28.37 -14.65 24.80
CA THR A 78 -27.16 -14.10 25.47
C THR A 78 -25.91 -14.97 25.23
N ALA A 79 -24.86 -14.30 24.86
CA ALA A 79 -23.52 -14.93 24.71
C ALA A 79 -22.69 -14.51 25.89
N TYR A 80 -21.80 -15.41 26.34
CA TYR A 80 -20.97 -15.13 27.52
C TYR A 80 -19.54 -15.38 27.16
N MET A 81 -18.66 -14.58 27.72
CA MET A 81 -17.21 -14.85 27.63
C MET A 81 -16.63 -14.90 29.03
N GLU A 82 -15.89 -15.99 29.27
CA GLU A 82 -15.17 -16.17 30.53
C GLU A 82 -13.67 -15.86 30.29
N LEU A 83 -13.10 -14.99 31.09
CA LEU A 83 -11.69 -14.65 31.04
C LEU A 83 -11.08 -15.20 32.32
N GLY A 84 -10.10 -16.08 32.14
CA GLY A 84 -9.61 -16.86 33.24
C GLY A 84 -8.32 -16.36 33.82
N ARG A 85 -8.15 -16.59 35.11
CA ARG A 85 -6.84 -16.43 35.84
C ARG A 85 -6.21 -15.11 35.46
N LEU A 86 -6.96 -14.08 35.79
CA LEU A 86 -6.67 -12.76 35.31
C LEU A 86 -5.32 -12.21 35.77
N THR A 87 -4.68 -11.45 34.89
CA THR A 87 -3.48 -10.65 35.24
C THR A 87 -3.72 -9.22 34.79
N SER A 88 -2.78 -8.34 35.10
CA SER A 88 -2.94 -6.94 34.70
C SER A 88 -2.99 -6.76 33.17
N GLU A 89 -2.38 -7.64 32.38
CA GLU A 89 -2.46 -7.65 30.92
C GLU A 89 -3.90 -7.84 30.43
N ASP A 90 -4.76 -8.38 31.29
CA ASP A 90 -6.14 -8.64 30.92
C ASP A 90 -7.03 -7.41 31.11
N SER A 91 -6.50 -6.38 31.72
CA SER A 91 -7.31 -5.17 31.90
C SER A 91 -7.55 -4.51 30.55
N ALA A 92 -8.80 -4.31 30.19
CA ALA A 92 -9.14 -3.82 28.85
C ALA A 92 -10.64 -3.61 28.74
N ILE A 93 -11.08 -3.00 27.62
CA ILE A 93 -12.50 -3.06 27.23
C ILE A 93 -12.71 -4.22 26.28
N TYR A 94 -13.76 -5.00 26.58
CA TYR A 94 -14.14 -6.17 25.78
C TYR A 94 -15.45 -5.88 25.08
N TYR A 95 -15.47 -6.07 23.76
CA TYR A 95 -16.70 -5.89 22.96
C TYR A 95 -17.20 -7.17 22.43
N CYS A 96 -18.53 -7.33 22.30
CA CYS A 96 -19.08 -8.30 21.43
C CYS A 96 -19.46 -7.58 20.14
N ALA A 97 -19.50 -8.30 19.08
CA ALA A 97 -19.81 -7.73 17.76
C ALA A 97 -20.33 -8.82 16.82
N ARG A 98 -21.04 -8.39 15.78
CA ARG A 98 -21.57 -9.33 14.80
C ARG A 98 -21.55 -8.69 13.43
N ARG A 99 -21.61 -9.58 12.44
CA ARG A 99 -21.62 -9.20 11.03
C ARG A 99 -22.95 -8.56 10.62
N ASP A 100 -22.99 -8.13 9.35
CA ASP A 100 -24.26 -7.58 8.80
C ASP A 100 -24.93 -8.79 8.16
N ARG A 101 -24.93 -8.93 6.84
CA ARG A 101 -25.66 -10.06 6.20
C ARG A 101 -24.77 -10.86 5.33
N ASP A 102 -23.49 -10.50 5.34
CA ASP A 102 -22.53 -11.11 4.49
C ASP A 102 -21.35 -11.62 5.27
N ASP A 103 -20.12 -11.22 4.94
CA ASP A 103 -18.91 -11.83 5.54
C ASP A 103 -18.63 -11.17 6.91
N VAL A 104 -17.54 -11.56 7.61
CA VAL A 104 -17.43 -11.04 9.00
C VAL A 104 -16.67 -9.70 9.02
N TRP A 105 -17.35 -8.68 8.66
CA TRP A 105 -17.04 -7.36 9.10
C TRP A 105 -18.07 -6.98 10.14
N PHE A 106 -17.70 -6.06 11.00
CA PHE A 106 -18.48 -5.76 12.19
C PHE A 106 -19.36 -4.56 11.99
N ALA A 107 -20.59 -4.83 11.61
CA ALA A 107 -21.57 -3.78 11.48
C ALA A 107 -22.20 -3.37 12.78
N TYR A 108 -22.27 -4.28 13.78
CA TYR A 108 -22.89 -3.96 15.05
C TYR A 108 -21.96 -4.33 16.21
N TRP A 109 -21.79 -3.43 17.13
CA TRP A 109 -20.90 -3.65 18.27
C TRP A 109 -21.73 -3.43 19.51
N GLY A 110 -21.43 -4.19 20.57
CA GLY A 110 -21.87 -3.81 21.90
C GLY A 110 -21.17 -2.54 22.41
N GLN A 111 -21.57 -2.05 23.59
CA GLN A 111 -21.03 -0.84 24.10
C GLN A 111 -19.74 -1.02 24.85
N GLY A 112 -19.37 -2.31 25.02
CA GLY A 112 -18.17 -2.68 25.70
C GLY A 112 -18.34 -2.88 27.16
N THR A 113 -17.50 -3.77 27.70
CA THR A 113 -17.38 -4.02 29.10
C THR A 113 -15.98 -3.77 29.55
N LEU A 114 -15.84 -2.89 30.54
CA LEU A 114 -14.58 -2.55 31.11
C LEU A 114 -14.18 -3.56 32.21
N VAL A 115 -13.03 -4.19 32.05
CA VAL A 115 -12.44 -5.11 33.05
C VAL A 115 -11.17 -4.50 33.57
N THR A 116 -11.15 -4.30 34.89
CA THR A 116 -10.00 -3.77 35.57
C THR A 116 -9.49 -4.81 36.61
N VAL A 117 -8.25 -5.26 36.42
CA VAL A 117 -7.69 -6.34 37.23
C VAL A 117 -6.87 -5.64 38.32
N SER A 118 -7.37 -5.73 39.56
CA SER A 118 -6.72 -5.12 40.71
C SER A 118 -7.13 -5.81 42.04
N ALA A 119 -6.16 -5.91 42.94
CA ALA A 119 -6.36 -6.38 44.31
C ALA A 119 -6.74 -5.26 45.29
N ALA A 120 -6.87 -4.03 44.81
CA ALA A 120 -7.00 -2.91 45.74
C ALA A 120 -8.38 -2.84 46.33
N LYS A 121 -8.44 -2.24 47.52
CA LYS A 121 -9.65 -1.89 48.20
C LYS A 121 -9.91 -0.38 48.11
N THR A 122 -11.13 0.01 48.44
CA THR A 122 -11.50 1.41 48.42
C THR A 122 -10.56 2.19 49.34
N THR A 123 -9.97 3.25 48.79
CA THR A 123 -8.96 4.05 49.50
C THR A 123 -9.15 5.53 49.17
N ALA A 124 -9.19 6.37 50.21
CA ALA A 124 -9.26 7.79 50.03
C ALA A 124 -7.92 8.33 49.59
N PRO A 125 -7.96 9.39 48.73
CA PRO A 125 -6.74 10.05 48.37
C PRO A 125 -6.23 10.95 49.47
N SER A 126 -4.92 11.21 49.41
CA SER A 126 -4.32 12.31 50.08
C SER A 126 -4.30 13.46 49.04
N VAL A 127 -4.61 14.67 49.47
CA VAL A 127 -4.63 15.82 48.56
C VAL A 127 -3.63 16.85 49.06
N TYR A 128 -2.64 17.18 48.23
CA TYR A 128 -1.54 18.02 48.62
C TYR A 128 -1.52 19.26 47.76
N PRO A 129 -1.42 20.42 48.39
CA PRO A 129 -1.28 21.65 47.60
C PRO A 129 0.15 21.73 47.07
N LEU A 130 0.29 22.23 45.84
CA LEU A 130 1.60 22.40 45.24
C LEU A 130 1.84 23.86 45.03
N ALA A 131 2.63 24.47 45.90
CA ALA A 131 2.83 25.94 45.85
C ALA A 131 4.09 26.18 45.06
N PRO A 132 4.13 27.28 44.34
CA PRO A 132 5.24 27.49 43.40
C PRO A 132 6.54 27.87 44.11
N VAL A 133 7.61 27.59 43.38
CA VAL A 133 8.98 28.02 43.71
C VAL A 133 9.55 28.83 42.54
N CYS A 134 10.71 29.42 42.76
CA CYS A 134 11.43 30.08 41.65
C CYS A 134 11.48 29.31 40.36
N GLY A 135 11.03 29.95 39.27
CA GLY A 135 10.96 29.36 37.94
C GLY A 135 9.51 29.01 37.55
N ASP A 136 8.63 29.03 38.53
CA ASP A 136 7.23 28.70 38.26
C ASP A 136 6.40 29.86 37.82
N THR A 137 7.04 31.03 37.65
CA THR A 137 6.41 32.12 36.99
C THR A 137 7.15 32.30 35.67
N THR A 138 6.38 32.28 34.60
CA THR A 138 6.87 32.57 33.27
C THR A 138 6.15 33.80 32.78
N GLY A 139 6.89 34.88 32.47
CA GLY A 139 6.26 36.12 32.17
C GLY A 139 5.45 36.66 33.34
N SER A 140 4.15 36.85 33.16
CA SER A 140 3.33 37.30 34.31
C SER A 140 2.38 36.18 34.77
N SER A 141 2.72 34.97 34.43
CA SER A 141 1.90 33.80 34.73
C SER A 141 2.51 32.84 35.69
N VAL A 142 1.82 32.69 36.80
CA VAL A 142 2.26 31.77 37.83
C VAL A 142 1.42 30.51 37.78
N THR A 143 2.10 29.39 37.92
CA THR A 143 1.45 28.09 37.93
C THR A 143 1.51 27.52 39.37
N LEU A 144 0.34 27.04 39.82
CA LEU A 144 0.11 26.37 41.09
C LEU A 144 -0.45 24.97 40.76
N GLY A 145 -0.37 24.05 41.72
CA GLY A 145 -0.93 22.71 41.48
C GLY A 145 -1.57 22.05 42.69
N CYS A 146 -2.08 20.86 42.42
CA CYS A 146 -2.79 20.04 43.39
C CYS A 146 -2.52 18.60 43.00
N LEU A 147 -2.06 17.79 43.99
CA LEU A 147 -1.64 16.40 43.77
C LEU A 147 -2.59 15.52 44.58
N VAL A 148 -3.21 14.56 43.87
CA VAL A 148 -4.25 13.73 44.46
C VAL A 148 -3.70 12.30 44.33
N LYS A 149 -3.28 11.73 45.47
CA LYS A 149 -2.49 10.51 45.41
C LYS A 149 -3.10 9.37 46.23
N GLY A 150 -3.00 8.16 45.68
CA GLY A 150 -3.21 6.94 46.42
C GLY A 150 -4.65 6.57 46.63
N TYR A 151 -5.48 6.75 45.62
CA TYR A 151 -6.92 6.45 45.75
C TYR A 151 -7.35 5.26 44.88
N PHE A 152 -8.47 4.68 45.25
CA PHE A 152 -9.05 3.60 44.51
C PHE A 152 -10.49 3.42 44.95
N PRO A 153 -11.38 3.11 44.00
CA PRO A 153 -11.23 3.16 42.56
C PRO A 153 -11.36 4.61 42.03
N GLU A 154 -11.29 4.71 40.72
CA GLU A 154 -11.69 5.93 40.02
C GLU A 154 -13.21 6.15 40.19
N PRO A 155 -13.66 7.41 40.10
CA PRO A 155 -12.97 8.65 39.77
C PRO A 155 -12.84 9.56 40.97
N VAL A 156 -12.09 10.64 40.78
CA VAL A 156 -12.19 11.77 41.66
C VAL A 156 -12.72 12.92 40.79
N THR A 157 -13.15 13.96 41.45
CA THR A 157 -13.46 15.23 40.82
C THR A 157 -12.59 16.26 41.44
N LEU A 158 -11.87 17.02 40.61
CA LEU A 158 -11.13 18.16 41.10
C LEU A 158 -11.61 19.47 40.47
N THR A 159 -11.77 20.51 41.29
CA THR A 159 -12.05 21.87 40.88
C THR A 159 -11.13 22.83 41.58
N TRP A 160 -11.09 24.06 41.05
CA TRP A 160 -10.41 25.18 41.66
C TRP A 160 -11.40 26.29 42.01
N ASN A 161 -11.30 26.78 43.23
CA ASN A 161 -12.17 27.85 43.73
C ASN A 161 -13.62 27.44 43.44
N SER A 162 -13.91 26.19 43.77
CA SER A 162 -15.26 25.60 43.60
C SER A 162 -15.85 25.67 42.19
N GLY A 163 -14.99 25.74 41.17
CA GLY A 163 -15.39 25.76 39.76
C GLY A 163 -15.32 27.12 39.12
N SER A 164 -15.18 28.15 39.94
CA SER A 164 -15.02 29.54 39.48
C SER A 164 -13.72 29.78 38.72
N LEU A 165 -12.65 29.05 39.05
CA LEU A 165 -11.40 29.13 38.27
C LEU A 165 -11.41 27.95 37.34
N SER A 166 -11.66 28.17 36.05
CA SER A 166 -11.74 27.05 35.11
C SER A 166 -10.82 27.20 33.93
N SER A 167 -10.49 28.44 33.54
CA SER A 167 -9.57 28.64 32.44
C SER A 167 -8.18 28.57 33.08
N GLY A 168 -7.22 28.21 32.28
CA GLY A 168 -5.86 28.13 32.74
C GLY A 168 -5.58 26.84 33.51
N VAL A 169 -6.45 25.83 33.41
CA VAL A 169 -6.41 24.59 34.23
C VAL A 169 -6.10 23.43 33.36
N HIS A 170 -5.19 22.59 33.84
CA HIS A 170 -4.96 21.32 33.26
C HIS A 170 -5.04 20.20 34.27
N THR A 171 -6.03 19.29 34.12
CA THR A 171 -6.21 18.19 35.04
C THR A 171 -5.91 16.97 34.25
N PHE A 172 -4.96 16.17 34.71
CA PHE A 172 -4.41 15.11 33.97
C PHE A 172 -5.06 13.78 34.22
N PRO A 173 -5.06 12.93 33.19
CA PRO A 173 -5.67 11.64 33.49
C PRO A 173 -4.95 10.88 34.62
N ALA A 174 -5.72 10.12 35.38
CA ALA A 174 -5.21 9.26 36.44
C ALA A 174 -4.37 8.15 35.87
N VAL A 175 -3.32 7.80 36.59
CA VAL A 175 -2.52 6.64 36.35
C VAL A 175 -2.35 5.82 37.64
N LEU A 176 -1.97 4.57 37.45
CA LEU A 176 -1.80 3.60 38.53
C LEU A 176 -0.33 3.61 39.02
N GLN A 177 -0.08 3.89 40.29
CA GLN A 177 1.25 3.62 40.87
C GLN A 177 1.13 2.74 42.10
N SER A 178 1.95 1.68 42.13
CA SER A 178 1.62 0.43 42.81
C SER A 178 0.28 0.00 42.20
N ASP A 179 -0.73 -0.15 43.06
CA ASP A 179 -2.10 -0.46 42.65
C ASP A 179 -3.04 0.62 43.14
N LEU A 180 -2.60 1.89 43.20
CA LEU A 180 -3.55 2.96 43.51
C LEU A 180 -3.43 4.02 42.42
N TYR A 181 -4.41 4.88 42.34
CA TYR A 181 -4.41 5.97 41.32
C TYR A 181 -3.84 7.24 41.89
N THR A 182 -3.24 8.02 40.99
CA THR A 182 -2.82 9.37 41.31
C THR A 182 -3.14 10.23 40.09
N LEU A 183 -3.47 11.47 40.41
CA LEU A 183 -3.85 12.45 39.45
C LEU A 183 -3.21 13.78 39.97
N SER A 184 -2.87 14.70 39.04
CA SER A 184 -2.51 16.07 39.39
C SER A 184 -3.28 17.04 38.54
N SER A 185 -3.35 18.27 39.00
CA SER A 185 -3.89 19.36 38.22
C SER A 185 -3.01 20.59 38.38
N SER A 186 -2.91 21.39 37.29
CA SER A 186 -2.26 22.69 37.35
C SER A 186 -3.22 23.83 37.05
N VAL A 187 -3.00 24.96 37.67
CA VAL A 187 -3.75 26.15 37.39
C VAL A 187 -2.76 27.30 37.20
N THR A 188 -3.04 28.18 36.25
CA THR A 188 -2.14 29.32 35.94
C THR A 188 -2.88 30.63 35.93
N VAL A 189 -2.42 31.58 36.75
CA VAL A 189 -3.08 32.86 36.93
C VAL A 189 -2.05 33.99 36.85
N THR A 190 -2.53 35.22 36.77
CA THR A 190 -1.64 36.39 36.77
C THR A 190 -0.94 36.56 38.11
N SER A 191 0.38 36.64 38.06
CA SER A 191 1.18 36.60 39.22
C SER A 191 0.78 37.58 40.29
N SER A 192 0.53 38.86 39.91
CA SER A 192 0.29 39.90 40.90
C SER A 192 -0.92 39.63 41.79
N THR A 193 -1.77 38.78 41.27
CA THR A 193 -3.04 38.46 41.81
C THR A 193 -2.96 37.40 42.96
N TRP A 194 -1.87 36.64 43.01
CA TRP A 194 -1.66 35.60 44.00
C TRP A 194 -0.43 35.93 44.84
N PRO A 195 -0.51 35.83 46.17
CA PRO A 195 -1.58 35.22 46.99
C PRO A 195 -2.73 36.13 47.44
N SER A 196 -2.79 37.38 46.97
CA SER A 196 -3.82 38.33 47.37
C SER A 196 -5.22 37.75 47.18
N GLN A 197 -5.40 37.06 46.06
CA GLN A 197 -6.69 36.42 45.73
C GLN A 197 -6.46 34.92 45.86
N SER A 198 -7.15 34.29 46.82
CA SER A 198 -6.86 32.92 47.21
C SER A 198 -7.30 31.92 46.13
N ILE A 199 -6.61 30.79 46.15
CA ILE A 199 -6.78 29.70 45.25
C ILE A 199 -6.75 28.38 45.99
N THR A 200 -7.83 27.62 45.79
CA THR A 200 -8.10 26.41 46.57
C THR A 200 -8.46 25.24 45.66
N CYS A 201 -7.86 24.08 45.92
N CYS A 201 -7.86 24.07 45.83
CA CYS A 201 -8.14 22.87 45.20
CA CYS A 201 -8.35 22.96 44.98
C CYS A 201 -9.31 22.16 45.89
C CYS A 201 -9.33 22.19 45.84
N ASN A 202 -10.35 21.75 45.16
CA ASN A 202 -11.45 21.01 45.81
C ASN A 202 -11.50 19.62 45.22
N VAL A 203 -11.33 18.61 46.06
CA VAL A 203 -11.27 17.24 45.63
C VAL A 203 -12.33 16.34 46.30
N ALA A 204 -13.05 15.63 45.45
CA ALA A 204 -14.04 14.64 45.90
C ALA A 204 -13.78 13.28 45.39
N HIS A 205 -13.78 12.30 46.32
CA HIS A 205 -13.68 10.88 45.99
C HIS A 205 -14.92 10.15 46.51
N PRO A 206 -15.90 9.95 45.67
CA PRO A 206 -17.21 9.45 46.09
C PRO A 206 -17.14 8.07 46.78
N ALA A 207 -16.36 7.17 46.23
CA ALA A 207 -16.29 5.84 46.78
C ALA A 207 -15.90 5.78 48.27
N SER A 208 -15.07 6.69 48.76
CA SER A 208 -14.69 6.74 50.18
C SER A 208 -15.44 7.85 50.93
N SER A 209 -16.38 8.50 50.27
CA SER A 209 -17.09 9.64 50.85
C SER A 209 -16.18 10.75 51.38
N THR A 210 -15.11 11.06 50.63
CA THR A 210 -14.22 12.14 51.02
C THR A 210 -14.39 13.36 50.12
N LYS A 211 -14.25 14.52 50.76
CA LYS A 211 -14.39 15.81 50.11
C LYS A 211 -13.40 16.73 50.83
N VAL A 212 -12.33 17.12 50.14
CA VAL A 212 -11.33 17.93 50.77
C VAL A 212 -11.04 19.18 49.95
N ASP A 213 -10.77 20.24 50.67
CA ASP A 213 -10.36 21.48 50.08
C ASP A 213 -8.94 21.72 50.60
N LYS A 214 -8.02 22.07 49.69
CA LYS A 214 -6.67 22.48 50.09
C LYS A 214 -6.44 23.85 49.50
N LYS A 215 -6.30 24.86 50.37
CA LYS A 215 -5.86 26.17 49.96
C LYS A 215 -4.37 26.09 49.63
N ILE A 216 -3.94 26.67 48.50
CA ILE A 216 -2.51 26.82 48.20
C ILE A 216 -1.94 27.97 48.99
N GLU A 217 -0.93 27.70 49.80
CA GLU A 217 -0.31 28.75 50.60
C GLU A 217 1.12 29.02 50.12
N PRO A 218 1.51 30.31 50.12
CA PRO A 218 2.88 30.68 49.82
C PRO A 218 3.88 29.92 50.67
N ARG A 219 4.94 29.44 50.03
CA ARG A 219 6.14 28.99 50.74
C ARG A 219 6.76 30.27 51.33
N GLY A 220 7.00 30.31 52.64
CA GLY A 220 7.32 31.57 53.34
C GLY A 220 8.62 31.55 54.13
N GLN B 1 -0.19 14.81 -3.41
CA GLN B 1 0.86 13.86 -3.83
C GLN B 1 1.62 14.45 -5.04
N VAL B 2 2.93 14.08 -5.14
CA VAL B 2 3.73 14.37 -6.31
C VAL B 2 3.06 13.71 -7.54
N GLN B 3 2.91 14.50 -8.60
CA GLN B 3 2.33 14.05 -9.84
C GLN B 3 3.20 14.55 -10.97
N LEU B 4 3.58 13.62 -11.88
CA LEU B 4 4.21 14.00 -13.14
C LEU B 4 3.31 13.54 -14.26
N GLN B 5 2.68 14.55 -14.89
CA GLN B 5 1.62 14.34 -15.84
C GLN B 5 2.10 14.63 -17.26
N GLN B 6 2.19 13.57 -18.07
CA GLN B 6 2.74 13.67 -19.38
C GLN B 6 1.64 13.81 -20.47
N SER B 7 1.98 14.41 -21.59
CA SER B 7 1.05 14.54 -22.75
C SER B 7 0.71 13.20 -23.41
N GLY B 8 -0.35 13.16 -24.25
CA GLY B 8 -0.88 11.92 -24.74
C GLY B 8 -0.06 11.32 -25.87
N PRO B 9 -0.52 10.19 -26.39
CA PRO B 9 0.23 9.50 -27.44
C PRO B 9 0.30 10.33 -28.71
N GLU B 10 1.32 10.08 -29.51
CA GLU B 10 1.60 10.84 -30.73
C GLU B 10 1.92 9.89 -31.84
N VAL B 11 1.26 10.09 -32.96
CA VAL B 11 1.68 9.47 -34.21
C VAL B 11 2.38 10.56 -35.07
N VAL B 12 3.61 10.32 -35.44
CA VAL B 12 4.38 11.37 -36.10
C VAL B 12 5.07 10.80 -37.36
N ARG B 13 5.06 11.58 -38.43
CA ARG B 13 5.69 11.14 -39.65
C ARG B 13 7.20 11.09 -39.54
N PRO B 14 7.83 10.23 -40.31
CA PRO B 14 9.26 10.19 -40.22
C PRO B 14 9.80 11.54 -40.74
N GLY B 15 10.93 11.95 -40.21
CA GLY B 15 11.60 13.16 -40.69
C GLY B 15 11.20 14.49 -40.05
N VAL B 16 10.16 14.50 -39.25
CA VAL B 16 9.72 15.66 -38.54
C VAL B 16 9.98 15.43 -37.08
N SER B 17 9.65 16.42 -36.28
CA SER B 17 9.96 16.43 -34.83
C SER B 17 8.67 16.39 -34.01
N VAL B 18 8.76 15.98 -32.75
CA VAL B 18 7.61 15.96 -31.84
C VAL B 18 8.03 16.59 -30.52
N ARG B 19 7.11 17.32 -29.91
CA ARG B 19 7.30 18.00 -28.62
C ARG B 19 6.36 17.37 -27.60
N ILE B 20 6.94 16.74 -26.56
CA ILE B 20 6.16 16.08 -25.49
C ILE B 20 6.37 16.81 -24.19
N SER B 21 5.36 16.76 -23.36
CA SER B 21 5.39 17.56 -22.11
C SER B 21 5.18 16.72 -20.90
N CYS B 22 5.62 17.31 -19.79
CA CYS B 22 5.66 16.68 -18.45
C CYS B 22 5.44 17.82 -17.44
N LYS B 23 4.25 17.86 -16.86
CA LYS B 23 3.92 18.88 -15.88
C LYS B 23 4.08 18.32 -14.46
N GLY B 24 4.87 19.02 -13.65
CA GLY B 24 5.12 18.58 -12.27
C GLY B 24 4.21 19.34 -11.32
N SER B 25 3.45 18.59 -10.53
N SER B 25 3.39 18.59 -10.57
CA SER B 25 2.58 19.18 -9.50
CA SER B 25 2.57 19.19 -9.49
C SER B 25 2.87 18.57 -8.14
C SER B 25 2.66 18.44 -8.15
N GLY B 26 2.38 19.18 -7.06
CA GLY B 26 2.54 18.57 -5.73
C GLY B 26 3.85 18.62 -5.03
N TYR B 27 4.73 19.45 -5.51
CA TYR B 27 6.06 19.66 -5.00
C TYR B 27 6.65 20.92 -5.56
N THR B 28 7.78 21.34 -4.99
CA THR B 28 8.49 22.49 -5.40
C THR B 28 9.23 22.17 -6.69
N PHE B 29 8.65 22.64 -7.77
CA PHE B 29 9.14 22.29 -9.15
C PHE B 29 10.64 22.51 -9.34
N THR B 30 11.20 23.63 -8.90
CA THR B 30 12.59 24.04 -9.04
C THR B 30 13.64 23.39 -8.13
N ASP B 31 13.17 22.55 -7.22
CA ASP B 31 14.02 21.88 -6.25
C ASP B 31 14.55 20.54 -6.81
N TYR B 32 14.07 20.12 -7.96
CA TYR B 32 14.40 18.77 -8.54
C TYR B 32 14.47 18.91 -10.04
N ALA B 33 15.57 18.44 -10.60
CA ALA B 33 15.72 18.49 -12.06
C ALA B 33 14.71 17.54 -12.68
N MET B 34 14.49 17.65 -14.00
CA MET B 34 13.63 16.69 -14.66
C MET B 34 14.55 15.84 -15.59
N HIS B 35 14.36 14.56 -15.46
CA HIS B 35 15.05 13.59 -16.32
C HIS B 35 14.07 12.95 -17.27
N TRP B 36 14.61 12.41 -18.38
CA TRP B 36 13.84 11.73 -19.37
C TRP B 36 14.47 10.39 -19.72
N VAL B 37 13.58 9.43 -19.88
CA VAL B 37 13.94 8.02 -20.06
C VAL B 37 13.18 7.50 -21.25
N LYS B 38 13.87 6.79 -22.17
CA LYS B 38 13.29 6.09 -23.32
C LYS B 38 13.14 4.61 -22.93
N GLN B 39 12.01 4.04 -23.22
CA GLN B 39 11.71 2.60 -23.11
C GLN B 39 11.30 2.08 -24.47
N SER B 40 12.19 1.42 -25.19
N SER B 40 12.19 1.25 -25.00
CA SER B 40 11.87 0.91 -26.51
CA SER B 40 12.07 0.71 -26.32
C SER B 40 11.13 -0.39 -26.39
C SER B 40 11.06 -0.43 -26.35
N HIS B 41 10.67 -0.82 -27.56
CA HIS B 41 9.88 -2.04 -27.73
C HIS B 41 10.53 -3.28 -27.14
N ALA B 42 11.86 -3.30 -27.05
CA ALA B 42 12.53 -4.38 -26.34
C ALA B 42 12.53 -4.25 -24.81
N LYS B 43 11.80 -3.27 -24.23
CA LYS B 43 11.77 -3.03 -22.78
C LYS B 43 13.08 -2.46 -22.16
N SER B 44 14.05 -2.13 -22.97
CA SER B 44 15.27 -1.59 -22.46
C SER B 44 14.98 -0.15 -22.02
N LEU B 45 15.63 0.33 -20.96
CA LEU B 45 15.50 1.75 -20.50
C LEU B 45 16.80 2.47 -20.77
N ASP B 46 16.69 3.64 -21.37
CA ASP B 46 17.85 4.46 -21.67
C ASP B 46 17.62 5.90 -21.12
N TRP B 47 18.56 6.43 -20.35
CA TRP B 47 18.45 7.81 -19.81
C TRP B 47 18.86 8.72 -20.95
N ILE B 48 17.98 9.65 -21.31
CA ILE B 48 18.20 10.55 -22.39
C ILE B 48 19.01 11.79 -21.96
N GLY B 49 18.68 12.31 -20.77
CA GLY B 49 19.34 13.47 -20.20
C GLY B 49 18.53 14.12 -19.12
N VAL B 50 19.04 15.26 -18.71
CA VAL B 50 18.55 16.00 -17.54
C VAL B 50 18.51 17.47 -17.89
N ILE B 51 17.46 18.15 -17.37
CA ILE B 51 17.41 19.61 -17.41
C ILE B 51 17.19 20.16 -15.99
N GLY B 52 17.98 21.18 -15.65
CA GLY B 52 17.80 21.86 -14.36
C GLY B 52 16.50 22.68 -14.49
N THR B 53 15.58 22.50 -13.59
CA THR B 53 14.32 23.24 -13.57
C THR B 53 14.54 24.67 -13.03
N ASP B 54 15.59 24.84 -12.27
CA ASP B 54 16.02 26.15 -11.75
C ASP B 54 16.83 26.91 -12.77
N ASN B 55 17.94 26.33 -13.23
CA ASN B 55 18.89 26.99 -14.11
C ASN B 55 18.59 26.82 -15.66
N GLY B 56 17.75 25.87 -16.05
CA GLY B 56 17.51 25.59 -17.47
C GLY B 56 18.66 24.91 -18.21
N ASN B 57 19.72 24.60 -17.50
CA ASN B 57 20.89 24.01 -18.12
C ASN B 57 20.62 22.51 -18.37
N THR B 58 21.24 22.02 -19.44
CA THR B 58 20.98 20.64 -19.87
C THR B 58 22.25 19.83 -19.89
N ASN B 59 22.03 18.54 -19.77
CA ASN B 59 23.13 17.53 -19.93
C ASN B 59 22.47 16.34 -20.63
N TYR B 60 22.89 16.07 -21.89
CA TYR B 60 22.35 15.01 -22.65
C TYR B 60 23.31 13.80 -22.67
N ASN B 61 22.72 12.63 -22.60
CA ASN B 61 23.50 11.37 -22.99
C ASN B 61 24.00 11.59 -24.41
N GLN B 62 25.33 11.39 -24.66
CA GLN B 62 25.88 11.61 -25.99
C GLN B 62 25.14 10.78 -27.06
N LYS B 63 24.57 9.62 -26.71
CA LYS B 63 23.72 8.87 -27.65
C LYS B 63 22.48 9.56 -28.18
N PHE B 64 22.06 10.60 -27.45
CA PHE B 64 20.88 11.37 -27.83
C PHE B 64 21.21 12.82 -28.20
N LYS B 65 22.49 13.19 -28.24
CA LYS B 65 22.86 14.51 -28.69
C LYS B 65 22.36 14.68 -30.11
N GLY B 66 21.63 15.74 -30.33
CA GLY B 66 21.14 16.03 -31.67
C GLY B 66 19.92 15.22 -32.07
N LYS B 67 19.45 14.35 -31.17
CA LYS B 67 18.13 13.74 -31.31
C LYS B 67 17.14 14.45 -30.40
N ALA B 68 17.60 14.66 -29.17
CA ALA B 68 16.74 15.21 -28.11
C ALA B 68 17.17 16.59 -27.72
N THR B 69 16.18 17.46 -27.45
CA THR B 69 16.32 18.80 -26.88
C THR B 69 15.36 18.80 -25.67
N MET B 70 15.79 19.41 -24.58
CA MET B 70 14.96 19.57 -23.41
C MET B 70 14.85 21.07 -23.11
N THR B 71 13.64 21.45 -22.70
CA THR B 71 13.33 22.81 -22.25
C THR B 71 12.43 22.72 -21.01
N VAL B 72 12.27 23.86 -20.32
CA VAL B 72 11.39 23.99 -19.21
C VAL B 72 10.72 25.37 -19.26
N ASP B 73 9.44 25.38 -18.88
CA ASP B 73 8.62 26.61 -18.69
C ASP B 73 8.18 26.66 -17.20
N LYS B 74 8.88 27.42 -16.42
CA LYS B 74 8.47 27.70 -14.99
C LYS B 74 7.07 28.34 -14.84
N SER B 75 6.66 29.10 -15.84
CA SER B 75 5.32 29.72 -15.82
C SER B 75 4.23 28.68 -15.78
N SER B 76 4.59 27.41 -16.05
CA SER B 76 3.60 26.39 -16.00
C SER B 76 4.12 25.08 -15.29
N ASN B 77 5.27 25.13 -14.63
CA ASN B 77 5.85 23.93 -14.03
C ASN B 77 5.86 22.73 -15.01
N THR B 78 6.21 23.03 -16.25
CA THR B 78 6.22 22.01 -17.30
C THR B 78 7.54 21.91 -17.97
N ALA B 79 8.00 20.65 -18.11
CA ALA B 79 9.23 20.38 -18.83
C ALA B 79 8.81 19.84 -20.18
N TYR B 80 9.61 20.11 -21.22
CA TYR B 80 9.29 19.63 -22.57
C TYR B 80 10.51 18.88 -23.10
N MET B 81 10.26 17.86 -23.90
CA MET B 81 11.34 17.24 -24.67
C MET B 81 10.93 17.26 -26.14
N GLU B 82 11.85 17.74 -26.97
CA GLU B 82 11.69 17.63 -28.42
C GLU B 82 12.56 16.50 -28.99
N LEU B 83 11.89 15.63 -29.75
CA LEU B 83 12.58 14.54 -30.48
C LEU B 83 12.54 14.87 -31.97
N GLY B 84 13.74 14.99 -32.54
CA GLY B 84 13.89 15.61 -33.83
C GLY B 84 14.10 14.58 -34.94
N ARG B 85 13.60 14.93 -36.14
CA ARG B 85 13.87 14.17 -37.35
C ARG B 85 13.67 12.68 -37.12
N LEU B 86 12.45 12.34 -36.81
CA LEU B 86 12.16 11.04 -36.30
C LEU B 86 12.36 9.90 -37.32
N THR B 87 12.81 8.76 -36.81
CA THR B 87 12.86 7.52 -37.59
C THR B 87 12.09 6.43 -36.78
N SER B 88 11.91 5.28 -37.40
N SER B 88 11.85 5.28 -37.38
CA SER B 88 11.24 4.18 -36.74
CA SER B 88 11.19 4.17 -36.67
C SER B 88 11.96 3.76 -35.43
C SER B 88 11.97 3.72 -35.41
N GLU B 89 13.27 3.98 -35.31
CA GLU B 89 14.03 3.69 -34.08
C GLU B 89 13.57 4.56 -32.89
N ASP B 90 12.90 5.66 -33.22
CA ASP B 90 12.43 6.59 -32.20
C ASP B 90 11.10 6.18 -31.65
N SER B 91 10.40 5.25 -32.28
CA SER B 91 9.12 4.76 -31.72
C SER B 91 9.40 4.11 -30.36
N ALA B 92 8.79 4.62 -29.29
CA ALA B 92 9.04 4.14 -27.98
C ALA B 92 8.01 4.79 -27.03
N ILE B 93 8.09 4.39 -25.78
CA ILE B 93 7.47 5.12 -24.66
C ILE B 93 8.56 5.99 -24.02
N TYR B 94 8.22 7.27 -23.80
CA TYR B 94 9.12 8.23 -23.17
C TYR B 94 8.57 8.63 -21.82
N TYR B 95 9.40 8.53 -20.79
CA TYR B 95 9.02 8.94 -19.45
C TYR B 95 9.77 10.15 -19.02
N CYS B 96 9.13 10.97 -18.18
CA CYS B 96 9.85 11.96 -17.34
C CYS B 96 9.89 11.33 -15.93
N ALA B 97 10.89 11.70 -15.20
CA ALA B 97 11.17 11.18 -13.85
C ALA B 97 11.99 12.10 -13.01
N ARG B 98 11.82 12.03 -11.68
CA ARG B 98 12.63 12.83 -10.77
C ARG B 98 13.07 12.00 -9.56
N ARG B 99 14.13 12.51 -8.93
CA ARG B 99 14.71 11.88 -7.74
C ARG B 99 13.79 12.08 -6.49
N ASP B 100 14.28 11.52 -5.36
CA ASP B 100 13.50 11.65 -4.10
C ASP B 100 14.12 12.86 -3.41
N ARG B 101 14.96 12.67 -2.37
CA ARG B 101 15.59 13.79 -1.72
C ARG B 101 17.08 13.76 -1.73
N ASP B 102 17.64 12.69 -2.32
CA ASP B 102 19.05 12.47 -2.28
C ASP B 102 19.64 12.41 -3.69
N ASP B 103 20.34 11.31 -4.02
CA ASP B 103 20.96 11.19 -5.31
C ASP B 103 19.95 10.83 -6.44
N VAL B 104 20.38 10.71 -7.69
CA VAL B 104 19.44 10.47 -8.80
C VAL B 104 19.10 9.00 -8.96
N TRP B 105 18.20 8.52 -8.10
CA TRP B 105 17.37 7.37 -8.40
C TRP B 105 15.99 7.89 -8.56
N PHE B 106 15.15 7.18 -9.23
CA PHE B 106 13.88 7.69 -9.66
C PHE B 106 12.71 7.18 -8.79
N ALA B 107 12.29 8.05 -7.86
CA ALA B 107 11.22 7.72 -6.95
C ALA B 107 9.90 8.08 -7.57
N TYR B 108 9.87 9.02 -8.53
CA TYR B 108 8.60 9.42 -9.19
C TYR B 108 8.74 9.41 -10.70
N TRP B 109 7.77 8.83 -11.39
CA TRP B 109 7.79 8.69 -12.82
C TRP B 109 6.48 9.24 -13.38
N GLY B 110 6.55 9.84 -14.52
CA GLY B 110 5.32 10.08 -15.29
C GLY B 110 4.74 8.83 -15.87
N GLN B 111 3.53 8.90 -16.45
CA GLN B 111 2.87 7.72 -16.89
C GLN B 111 3.36 7.23 -18.26
N GLY B 112 4.16 8.06 -18.89
CA GLY B 112 4.81 7.77 -20.19
C GLY B 112 4.01 8.30 -21.33
N THR B 113 4.72 8.66 -22.39
CA THR B 113 4.12 9.12 -23.61
C THR B 113 4.56 8.16 -24.73
N LEU B 114 3.57 7.59 -25.42
CA LEU B 114 3.86 6.70 -26.54
C LEU B 114 4.03 7.48 -27.78
N VAL B 115 5.15 7.24 -28.45
CA VAL B 115 5.45 7.88 -29.73
C VAL B 115 5.58 6.84 -30.82
N THR B 116 4.74 6.95 -31.85
CA THR B 116 4.72 5.97 -32.94
C THR B 116 5.07 6.70 -34.21
N VAL B 117 6.19 6.31 -34.84
CA VAL B 117 6.71 7.00 -36.00
C VAL B 117 6.19 6.24 -37.21
N SER B 118 5.31 6.89 -37.98
CA SER B 118 4.74 6.24 -39.15
C SER B 118 4.18 7.36 -40.09
N ALA B 119 4.23 7.05 -41.37
CA ALA B 119 3.60 7.86 -42.43
C ALA B 119 2.19 7.48 -42.74
N ALA B 120 1.65 6.48 -42.05
CA ALA B 120 0.36 5.96 -42.48
C ALA B 120 -0.80 6.83 -42.06
N LYS B 121 -1.88 6.71 -42.85
CA LYS B 121 -3.19 7.35 -42.59
C LYS B 121 -4.16 6.34 -42.03
N THR B 122 -5.20 6.83 -41.38
CA THR B 122 -6.21 5.91 -40.83
C THR B 122 -6.69 5.01 -41.98
N THR B 123 -6.62 3.68 -41.76
CA THR B 123 -6.96 2.66 -42.77
C THR B 123 -7.68 1.43 -42.12
N ALA B 124 -8.88 1.14 -42.58
CA ALA B 124 -9.65 0.02 -42.13
C ALA B 124 -8.95 -1.28 -42.59
N PRO B 125 -8.97 -2.28 -41.73
CA PRO B 125 -8.40 -3.56 -42.15
C PRO B 125 -9.19 -4.36 -43.15
N SER B 126 -8.48 -5.24 -43.89
CA SER B 126 -9.14 -6.39 -44.56
C SER B 126 -9.16 -7.53 -43.55
N VAL B 127 -10.27 -8.24 -43.54
CA VAL B 127 -10.47 -9.32 -42.60
C VAL B 127 -10.78 -10.58 -43.39
N TYR B 128 -10.01 -11.64 -43.18
CA TYR B 128 -10.12 -12.87 -43.94
C TYR B 128 -10.34 -14.03 -43.05
N PRO B 129 -11.35 -14.88 -43.37
CA PRO B 129 -11.64 -15.99 -42.55
C PRO B 129 -10.62 -17.08 -42.95
N LEU B 130 -10.13 -17.83 -41.96
CA LEU B 130 -9.24 -18.97 -42.19
C LEU B 130 -9.95 -20.26 -41.78
N ALA B 131 -10.39 -21.03 -42.78
CA ALA B 131 -11.02 -22.28 -42.54
C ALA B 131 -9.98 -23.39 -42.50
N PRO B 132 -10.25 -24.40 -41.70
CA PRO B 132 -9.24 -25.48 -41.50
C PRO B 132 -9.10 -26.35 -42.70
N VAL B 133 -7.95 -27.00 -42.73
CA VAL B 133 -7.59 -28.08 -43.64
C VAL B 133 -7.16 -29.28 -42.86
N CYS B 134 -6.96 -30.40 -43.57
N CYS B 134 -6.96 -30.39 -43.56
CA CYS B 134 -6.41 -31.59 -42.93
CA CYS B 134 -6.48 -31.59 -42.90
C CYS B 134 -5.20 -31.33 -42.04
C CYS B 134 -5.23 -31.34 -42.04
N GLY B 135 -5.30 -31.80 -40.78
CA GLY B 135 -4.31 -31.58 -39.77
C GLY B 135 -4.72 -30.55 -38.72
N ASP B 136 -5.76 -29.80 -39.06
CA ASP B 136 -6.19 -28.77 -38.14
C ASP B 136 -7.18 -29.21 -37.10
N THR B 137 -7.58 -30.50 -37.09
CA THR B 137 -8.23 -31.12 -35.94
C THR B 137 -7.27 -32.07 -35.27
N THR B 138 -7.05 -31.87 -33.99
CA THR B 138 -6.22 -32.71 -33.13
C THR B 138 -7.14 -33.28 -32.06
N GLY B 139 -7.27 -34.61 -31.97
CA GLY B 139 -8.21 -35.23 -31.08
C GLY B 139 -9.62 -34.80 -31.39
N SER B 140 -10.29 -34.23 -30.36
CA SER B 140 -11.61 -33.71 -30.56
C SER B 140 -11.72 -32.21 -30.77
N SER B 141 -10.62 -31.56 -31.12
CA SER B 141 -10.51 -30.10 -31.19
C SER B 141 -10.10 -29.64 -32.53
N VAL B 142 -10.87 -28.70 -33.04
CA VAL B 142 -10.56 -28.12 -34.32
C VAL B 142 -10.18 -26.68 -34.10
N THR B 143 -9.23 -26.22 -34.87
CA THR B 143 -8.81 -24.79 -34.83
C THR B 143 -9.17 -24.09 -36.11
N LEU B 144 -9.71 -22.87 -35.98
CA LEU B 144 -10.09 -21.96 -37.03
C LEU B 144 -9.32 -20.63 -36.81
N GLY B 145 -9.21 -19.80 -37.85
CA GLY B 145 -8.60 -18.51 -37.74
C GLY B 145 -9.19 -17.33 -38.48
N CYS B 146 -8.58 -16.19 -38.24
CA CYS B 146 -9.01 -14.91 -38.79
C CYS B 146 -7.72 -14.10 -38.93
N LEU B 147 -7.51 -13.54 -40.09
CA LEU B 147 -6.42 -12.71 -40.46
C LEU B 147 -6.87 -11.28 -40.75
N VAL B 148 -6.23 -10.36 -40.05
CA VAL B 148 -6.69 -8.96 -40.06
C VAL B 148 -5.48 -8.22 -40.60
N LYS B 149 -5.58 -7.71 -41.82
CA LYS B 149 -4.39 -7.23 -42.48
C LYS B 149 -4.61 -5.77 -42.98
N GLY B 150 -3.60 -4.95 -42.80
CA GLY B 150 -3.49 -3.65 -43.46
C GLY B 150 -4.20 -2.53 -42.80
N TYR B 151 -4.14 -2.44 -41.48
CA TYR B 151 -4.87 -1.36 -40.78
C TYR B 151 -3.95 -0.40 -40.11
N PHE B 152 -4.49 0.83 -39.78
CA PHE B 152 -3.75 1.77 -39.01
C PHE B 152 -4.74 2.82 -38.48
N PRO B 153 -4.57 3.22 -37.22
CA PRO B 153 -3.62 2.77 -36.24
C PRO B 153 -4.19 1.59 -35.47
N GLU B 154 -3.44 1.14 -34.49
CA GLU B 154 -3.97 0.26 -33.43
C GLU B 154 -4.98 1.03 -32.58
N PRO B 155 -5.92 0.33 -31.95
CA PRO B 155 -6.18 -1.09 -31.89
C PRO B 155 -7.34 -1.53 -32.80
N VAL B 156 -7.43 -2.84 -33.04
CA VAL B 156 -8.67 -3.45 -33.44
C VAL B 156 -9.19 -4.27 -32.24
N THR B 157 -10.49 -4.55 -32.26
CA THR B 157 -11.10 -5.38 -31.30
C THR B 157 -11.65 -6.58 -32.09
N LEU B 158 -10.99 -7.71 -31.96
CA LEU B 158 -11.45 -8.96 -32.55
C LEU B 158 -12.12 -9.88 -31.53
N THR B 159 -13.31 -10.38 -31.92
CA THR B 159 -14.08 -11.33 -31.19
C THR B 159 -14.48 -12.46 -32.08
N TRP B 160 -14.89 -13.52 -31.44
CA TRP B 160 -15.43 -14.68 -32.07
C TRP B 160 -16.86 -14.92 -31.60
N ASN B 161 -17.79 -15.08 -32.54
CA ASN B 161 -19.25 -15.19 -32.24
C ASN B 161 -19.67 -14.10 -31.27
N SER B 162 -19.24 -12.90 -31.60
CA SER B 162 -19.61 -11.72 -30.85
C SER B 162 -19.32 -11.79 -29.35
N GLY B 163 -18.25 -12.53 -28.98
CA GLY B 163 -17.74 -12.62 -27.66
C GLY B 163 -18.17 -13.87 -26.94
N SER B 164 -19.13 -14.58 -27.53
CA SER B 164 -19.64 -15.84 -26.94
C SER B 164 -18.65 -16.97 -26.96
N LEU B 165 -17.72 -16.94 -27.91
CA LEU B 165 -16.52 -17.80 -27.84
C LEU B 165 -15.37 -16.97 -27.32
N SER B 166 -14.96 -17.20 -26.08
N SER B 166 -14.95 -17.21 -26.07
CA SER B 166 -13.89 -16.43 -25.49
CA SER B 166 -13.92 -16.42 -25.42
C SER B 166 -12.76 -17.32 -24.97
C SER B 166 -12.78 -17.30 -24.91
N SER B 167 -13.09 -18.53 -24.54
CA SER B 167 -12.07 -19.42 -24.08
C SER B 167 -11.58 -20.16 -25.35
N GLY B 168 -10.38 -20.68 -25.25
CA GLY B 168 -9.84 -21.34 -26.44
C GLY B 168 -9.40 -20.41 -27.58
N VAL B 169 -9.23 -19.11 -27.29
CA VAL B 169 -8.90 -18.06 -28.27
C VAL B 169 -7.48 -17.59 -28.04
N HIS B 170 -6.74 -17.39 -29.12
CA HIS B 170 -5.47 -16.71 -29.09
C HIS B 170 -5.41 -15.61 -30.08
N THR B 171 -5.32 -14.35 -29.62
CA THR B 171 -5.26 -13.21 -30.50
C THR B 171 -3.89 -12.60 -30.30
N PHE B 172 -3.13 -12.53 -31.38
CA PHE B 172 -1.76 -12.22 -31.33
C PHE B 172 -1.46 -10.77 -31.42
N PRO B 173 -0.36 -10.34 -30.79
CA PRO B 173 -0.04 -8.93 -30.96
C PRO B 173 0.19 -8.51 -32.40
N ALA B 174 -0.24 -7.31 -32.75
CA ALA B 174 -0.03 -6.75 -34.05
C ALA B 174 1.45 -6.53 -34.35
N VAL B 175 1.82 -6.71 -35.61
CA VAL B 175 3.10 -6.32 -36.15
C VAL B 175 2.93 -5.52 -37.48
N LEU B 176 4.00 -4.88 -37.88
CA LEU B 176 4.02 -4.12 -39.16
C LEU B 176 4.32 -4.91 -40.46
N GLN B 177 3.55 -4.67 -41.50
CA GLN B 177 3.98 -4.98 -42.87
C GLN B 177 3.87 -3.73 -43.70
N SER B 178 4.96 -3.30 -44.33
CA SER B 178 5.11 -1.90 -44.82
C SER B 178 4.96 -0.98 -43.60
N ASP B 179 3.96 -0.08 -43.64
CA ASP B 179 3.63 0.80 -42.50
C ASP B 179 2.18 0.51 -42.00
N LEU B 180 1.65 -0.71 -42.23
CA LEU B 180 0.30 -1.03 -41.74
C LEU B 180 0.43 -2.22 -40.77
N TYR B 181 -0.55 -2.40 -39.89
CA TYR B 181 -0.54 -3.50 -38.93
C TYR B 181 -1.26 -4.72 -39.51
N THR B 182 -0.81 -5.88 -39.05
CA THR B 182 -1.54 -7.12 -39.29
C THR B 182 -1.52 -7.91 -38.00
N LEU B 183 -2.63 -8.58 -37.75
CA LEU B 183 -2.92 -9.33 -36.58
C LEU B 183 -3.59 -10.63 -37.06
N SER B 184 -3.46 -11.70 -36.27
N SER B 184 -3.40 -11.73 -36.33
CA SER B 184 -4.24 -12.93 -36.51
CA SER B 184 -4.19 -12.97 -36.56
C SER B 184 -4.80 -13.40 -35.20
C SER B 184 -4.77 -13.43 -35.21
N SER B 185 -5.85 -14.19 -35.28
CA SER B 185 -6.39 -14.88 -34.16
C SER B 185 -6.80 -16.28 -34.47
N SER B 186 -6.62 -17.17 -33.51
CA SER B 186 -7.10 -18.52 -33.60
C SER B 186 -8.19 -18.82 -32.56
N VAL B 187 -9.14 -19.70 -32.92
CA VAL B 187 -10.09 -20.23 -31.97
C VAL B 187 -10.17 -21.73 -32.11
N THR B 188 -10.28 -22.41 -30.96
CA THR B 188 -10.32 -23.86 -30.92
C THR B 188 -11.63 -24.29 -30.25
N VAL B 189 -12.35 -25.15 -30.92
CA VAL B 189 -13.59 -25.67 -30.36
C VAL B 189 -13.59 -27.17 -30.46
N THR B 190 -14.57 -27.81 -29.79
CA THR B 190 -14.83 -29.22 -30.02
C THR B 190 -15.29 -29.51 -31.45
N SER B 191 -14.66 -30.47 -32.11
CA SER B 191 -14.88 -30.69 -33.51
C SER B 191 -16.32 -30.96 -33.98
N SER B 192 -17.04 -31.80 -33.25
CA SER B 192 -18.42 -32.20 -33.67
C SER B 192 -19.41 -31.03 -33.68
N THR B 193 -19.03 -29.93 -33.03
CA THR B 193 -19.85 -28.70 -33.02
C THR B 193 -19.74 -27.89 -34.31
N TRP B 194 -18.63 -28.01 -35.04
CA TRP B 194 -18.49 -27.24 -36.29
C TRP B 194 -18.54 -28.12 -37.54
N PRO B 195 -19.23 -27.71 -38.62
CA PRO B 195 -19.84 -26.40 -38.88
C PRO B 195 -21.31 -26.21 -38.40
N SER B 196 -21.89 -27.20 -37.70
CA SER B 196 -23.30 -27.13 -37.19
C SER B 196 -23.58 -25.79 -36.49
N GLN B 197 -22.63 -25.45 -35.64
CA GLN B 197 -22.70 -24.30 -34.83
C GLN B 197 -21.73 -23.27 -35.51
N SER B 198 -22.25 -22.21 -36.15
CA SER B 198 -21.42 -21.33 -36.95
C SER B 198 -20.44 -20.61 -36.07
N ILE B 199 -19.36 -20.20 -36.70
CA ILE B 199 -18.26 -19.39 -36.04
C ILE B 199 -17.89 -18.27 -36.98
N THR B 200 -17.94 -17.05 -36.42
CA THR B 200 -17.77 -15.83 -37.12
C THR B 200 -16.70 -14.96 -36.44
N CYS B 201 -15.77 -14.42 -37.20
CA CYS B 201 -14.74 -13.49 -36.69
C CYS B 201 -15.40 -12.13 -36.77
N ASN B 202 -15.38 -11.36 -35.67
CA ASN B 202 -15.80 -9.96 -35.76
C ASN B 202 -14.65 -9.03 -35.49
N VAL B 203 -14.53 -8.02 -36.32
CA VAL B 203 -13.43 -7.09 -36.19
C VAL B 203 -13.96 -5.64 -36.23
N ALA B 204 -13.75 -4.97 -35.10
CA ALA B 204 -14.03 -3.55 -35.03
C ALA B 204 -12.72 -2.82 -35.12
N HIS B 205 -12.71 -1.75 -35.91
CA HIS B 205 -11.58 -0.86 -35.94
C HIS B 205 -12.09 0.53 -35.55
N PRO B 206 -11.92 0.85 -34.29
CA PRO B 206 -12.56 2.13 -33.83
C PRO B 206 -12.11 3.36 -34.60
N ALA B 207 -10.83 3.46 -34.95
CA ALA B 207 -10.36 4.66 -35.71
C ALA B 207 -11.10 4.93 -37.02
N SER B 208 -11.47 3.91 -37.75
CA SER B 208 -12.15 4.03 -39.03
C SER B 208 -13.67 3.87 -38.89
N SER B 209 -14.17 3.66 -37.66
CA SER B 209 -15.57 3.36 -37.41
C SER B 209 -16.11 2.22 -38.24
N THR B 210 -15.29 1.18 -38.40
CA THR B 210 -15.74 0.01 -39.10
C THR B 210 -15.89 -1.19 -38.16
N LYS B 211 -16.82 -2.04 -38.54
CA LYS B 211 -17.09 -3.28 -37.90
C LYS B 211 -17.39 -4.26 -39.03
N VAL B 212 -16.56 -5.31 -39.16
CA VAL B 212 -16.78 -6.35 -40.18
C VAL B 212 -16.93 -7.73 -39.57
N ASP B 213 -17.78 -8.56 -40.17
CA ASP B 213 -17.99 -9.89 -39.70
C ASP B 213 -17.61 -10.82 -40.85
N LYS B 214 -16.81 -11.85 -40.57
CA LYS B 214 -16.49 -12.85 -41.59
C LYS B 214 -16.75 -14.25 -41.01
N LYS B 215 -17.74 -14.94 -41.58
CA LYS B 215 -18.09 -16.25 -41.19
C LYS B 215 -17.04 -17.22 -41.70
N ILE B 216 -16.60 -18.15 -40.85
CA ILE B 216 -15.67 -19.20 -41.34
C ILE B 216 -16.50 -20.25 -42.04
N GLU B 217 -16.22 -20.47 -43.33
CA GLU B 217 -17.02 -21.42 -44.16
C GLU B 217 -16.17 -22.67 -44.40
N PRO B 218 -16.75 -23.85 -44.24
CA PRO B 218 -16.06 -25.08 -44.72
C PRO B 218 -15.51 -25.06 -46.13
N ARG B 219 -14.41 -25.78 -46.30
CA ARG B 219 -13.65 -25.89 -47.54
C ARG B 219 -12.32 -25.17 -47.36
N GLY B 220 -11.31 -25.85 -46.80
CA GLY B 220 -10.12 -25.11 -46.43
C GLY B 220 -9.51 -24.25 -47.53
N PRO B 221 -9.32 -22.96 -47.25
CA PRO B 221 -8.74 -22.04 -48.23
C PRO B 221 -8.04 -22.78 -49.37
N ASP C 1 -0.41 -15.43 11.01
CA ASP C 1 -1.61 -14.54 10.97
C ASP C 1 -1.31 -13.45 9.93
N ILE C 2 -2.37 -12.93 9.33
CA ILE C 2 -2.29 -11.81 8.41
C ILE C 2 -2.01 -10.58 9.24
N VAL C 3 -0.89 -9.93 8.93
CA VAL C 3 -0.46 -8.72 9.58
C VAL C 3 -1.00 -7.53 8.80
N MET C 4 -1.70 -6.66 9.49
CA MET C 4 -2.23 -5.41 8.88
C MET C 4 -1.42 -4.23 9.35
N SER C 5 -0.76 -3.56 8.40
CA SER C 5 0.16 -2.46 8.75
C SER C 5 -0.42 -1.10 8.29
N GLN C 6 -0.75 -0.29 9.29
CA GLN C 6 -1.28 1.04 9.00
C GLN C 6 -0.23 2.10 9.12
N SER C 7 -0.26 3.06 8.21
CA SER C 7 0.57 4.25 8.34
C SER C 7 -0.06 5.45 7.69
N PRO C 8 0.30 6.63 8.20
CA PRO C 8 1.12 6.84 9.41
C PRO C 8 0.35 6.48 10.68
N SER C 9 0.97 6.36 11.86
CA SER C 9 0.21 6.11 13.09
C SER C 9 -0.60 7.33 13.54
N SER C 10 -0.09 8.50 13.16
CA SER C 10 -0.78 9.80 13.47
C SER C 10 -0.61 10.71 12.31
N LEU C 11 -1.66 11.53 12.07
CA LEU C 11 -1.64 12.49 11.02
C LEU C 11 -2.28 13.77 11.47
N ALA C 12 -1.55 14.88 11.34
CA ALA C 12 -2.05 16.19 11.67
C ALA C 12 -2.69 16.75 10.44
N VAL C 13 -3.96 17.12 10.56
CA VAL C 13 -4.75 17.56 9.47
C VAL C 13 -5.30 18.97 9.65
N SER C 14 -5.72 19.53 8.50
CA SER C 14 -6.41 20.83 8.49
C SER C 14 -7.76 20.70 7.80
N VAL C 15 -8.80 21.32 8.37
CA VAL C 15 -10.13 21.26 7.81
C VAL C 15 -10.14 21.69 6.34
N GLY C 16 -10.80 20.87 5.52
CA GLY C 16 -10.77 21.04 4.06
C GLY C 16 -9.69 20.31 3.26
N GLU C 17 -8.66 19.78 3.91
CA GLU C 17 -7.59 19.02 3.26
C GLU C 17 -8.15 17.68 2.84
N LYS C 18 -7.61 17.20 1.73
CA LYS C 18 -7.71 15.79 1.42
C LYS C 18 -6.74 15.04 2.30
N VAL C 19 -7.21 13.95 2.92
CA VAL C 19 -6.43 13.11 3.86
C VAL C 19 -6.39 11.68 3.33
N SER C 20 -5.20 11.06 3.37
CA SER C 20 -5.00 9.71 2.82
C SER C 20 -4.33 8.91 3.89
N MET C 21 -4.80 7.69 4.12
N MET C 21 -4.86 7.71 4.17
CA MET C 21 -4.04 6.82 5.01
CA MET C 21 -4.30 6.78 5.17
C MET C 21 -4.00 5.42 4.47
C MET C 21 -4.06 5.42 4.52
N SER C 22 -2.92 4.75 4.82
CA SER C 22 -2.53 3.49 4.23
C SER C 22 -2.74 2.29 5.13
N CYS C 23 -3.20 1.21 4.52
CA CYS C 23 -3.32 -0.05 5.22
C CYS C 23 -2.74 -1.11 4.27
N LYS C 24 -1.65 -1.78 4.67
CA LYS C 24 -1.08 -2.86 3.87
C LYS C 24 -1.18 -4.21 4.57
N SER C 25 -1.67 -5.23 3.87
CA SER C 25 -1.81 -6.59 4.48
C SER C 25 -0.65 -7.40 4.04
N SER C 26 -0.28 -8.35 4.89
CA SER C 26 0.90 -9.21 4.57
C SER C 26 0.57 -10.22 3.45
N GLN C 27 -0.71 -10.44 3.18
CA GLN C 27 -1.23 -11.29 2.11
C GLN C 27 -2.35 -10.67 1.36
N SER C 28 -2.52 -11.08 0.09
CA SER C 28 -3.65 -10.65 -0.67
C SER C 28 -5.01 -11.01 -0.03
N LEU C 29 -5.90 -10.05 -0.02
CA LEU C 29 -7.26 -10.22 0.45
C LEU C 29 -8.28 -10.37 -0.68
N PHE C 30 -7.83 -10.56 -1.93
CA PHE C 30 -8.80 -10.61 -3.05
C PHE C 30 -9.51 -11.98 -3.09
N TYR C 31 -10.84 -11.98 -3.20
CA TYR C 31 -11.65 -13.19 -3.20
C TYR C 31 -12.39 -13.27 -4.54
N SER C 32 -11.96 -14.15 -5.42
CA SER C 32 -12.48 -14.18 -6.82
C SER C 32 -13.97 -14.40 -6.99
N SER C 33 -14.59 -15.12 -6.08
CA SER C 33 -15.94 -15.53 -6.27
C SER C 33 -16.77 -14.31 -6.17
N TYR C 34 -16.33 -13.34 -5.36
CA TYR C 34 -17.12 -12.10 -5.21
C TYR C 34 -16.65 -11.02 -6.18
N GLN C 35 -15.41 -11.15 -6.59
CA GLN C 35 -14.61 -10.05 -7.19
C GLN C 35 -14.46 -8.85 -6.30
N LYS C 36 -14.37 -9.13 -5.02
CA LYS C 36 -14.11 -8.11 -4.00
C LYS C 36 -12.91 -8.49 -3.10
N ASP C 37 -12.33 -7.46 -2.49
CA ASP C 37 -11.27 -7.63 -1.43
C ASP C 37 -11.90 -7.62 -0.03
N LEU C 38 -11.45 -8.52 0.84
CA LEU C 38 -12.08 -8.78 2.13
C LEU C 38 -11.44 -7.91 3.25
N LEU C 39 -11.75 -6.62 3.10
CA LEU C 39 -11.13 -5.55 3.88
C LEU C 39 -12.19 -4.56 4.29
N ALA C 40 -12.21 -4.20 5.57
CA ALA C 40 -13.09 -3.18 6.07
C ALA C 40 -12.27 -2.06 6.77
N TRP C 41 -12.90 -0.87 6.82
CA TRP C 41 -12.45 0.24 7.60
C TRP C 41 -13.45 0.64 8.65
N TYR C 42 -12.92 1.08 9.81
CA TYR C 42 -13.67 1.62 10.98
C TYR C 42 -13.12 2.92 11.47
N GLN C 43 -14.05 3.71 12.05
CA GLN C 43 -13.80 4.92 12.76
C GLN C 43 -14.13 4.75 14.21
N GLN C 44 -13.24 5.22 15.08
CA GLN C 44 -13.52 5.17 16.51
C GLN C 44 -13.16 6.49 17.18
N LYS C 45 -14.11 7.02 17.96
CA LYS C 45 -13.85 8.19 18.80
C LYS C 45 -13.70 7.79 20.27
N PRO C 46 -13.10 8.69 21.07
CA PRO C 46 -12.89 8.36 22.47
C PRO C 46 -14.19 7.99 23.12
N GLY C 47 -14.17 6.95 23.93
CA GLY C 47 -15.33 6.53 24.69
C GLY C 47 -16.40 5.77 23.95
N GLN C 48 -16.21 5.51 22.65
CA GLN C 48 -17.21 4.81 21.84
C GLN C 48 -16.59 3.54 21.25
N SER C 49 -17.47 2.63 20.91
CA SER C 49 -17.10 1.48 20.09
C SER C 49 -16.73 1.92 18.66
N PRO C 50 -15.96 1.13 17.93
CA PRO C 50 -15.70 1.39 16.52
C PRO C 50 -17.03 1.40 15.73
N LYS C 51 -17.06 2.24 14.69
CA LYS C 51 -18.17 2.35 13.74
C LYS C 51 -17.66 1.92 12.37
N LEU C 52 -18.41 1.07 11.69
CA LEU C 52 -18.05 0.61 10.40
C LEU C 52 -18.18 1.80 9.38
N LEU C 53 -17.13 1.94 8.57
CA LEU C 53 -17.15 2.89 7.45
C LEU C 53 -17.31 2.28 6.08
N ILE C 54 -16.45 1.29 5.76
CA ILE C 54 -16.25 0.74 4.43
C ILE C 54 -16.12 -0.79 4.58
N TYR C 55 -16.69 -1.52 3.62
CA TYR C 55 -16.46 -2.95 3.54
C TYR C 55 -16.23 -3.34 2.08
N TRP C 56 -15.71 -4.55 1.90
CA TRP C 56 -15.20 -5.03 0.62
C TRP C 56 -14.31 -3.98 -0.04
N ALA C 57 -13.44 -3.38 0.80
CA ALA C 57 -12.47 -2.39 0.41
C ALA C 57 -13.01 -1.04 -0.04
N SER C 58 -14.19 -0.96 -0.65
CA SER C 58 -14.71 0.29 -1.23
C SER C 58 -16.22 0.59 -1.11
N THR C 59 -17.04 -0.26 -0.50
CA THR C 59 -18.46 0.11 -0.27
C THR C 59 -18.67 0.84 1.03
N ARG C 60 -19.23 2.05 0.99
CA ARG C 60 -19.62 2.78 2.15
C ARG C 60 -20.79 2.15 2.74
N GLU C 61 -20.66 1.91 4.03
CA GLU C 61 -21.83 1.64 4.84
C GLU C 61 -22.88 2.75 4.76
N SER C 62 -24.15 2.39 4.82
CA SER C 62 -25.23 3.41 4.81
C SER C 62 -25.13 4.42 5.91
N GLY C 63 -25.27 5.68 5.53
CA GLY C 63 -25.15 6.78 6.46
C GLY C 63 -23.77 7.34 6.50
N VAL C 64 -22.78 6.62 5.97
CA VAL C 64 -21.46 7.21 5.98
C VAL C 64 -21.34 8.28 4.89
N PRO C 65 -20.87 9.49 5.26
CA PRO C 65 -20.75 10.55 4.27
C PRO C 65 -19.89 10.20 3.06
N ASP C 66 -20.34 10.67 1.92
CA ASP C 66 -19.61 10.39 0.67
C ASP C 66 -18.19 11.02 0.53
N ARG C 67 -17.71 11.83 1.49
CA ARG C 67 -16.29 12.20 1.50
C ARG C 67 -15.35 11.02 1.88
N PHE C 68 -15.86 9.90 2.36
CA PHE C 68 -15.00 8.75 2.72
C PHE C 68 -14.94 7.83 1.51
N THR C 69 -13.73 7.55 1.03
CA THR C 69 -13.54 6.59 -0.08
C THR C 69 -12.51 5.57 0.26
N GLY C 70 -12.84 4.31 0.05
CA GLY C 70 -11.88 3.24 0.16
C GLY C 70 -11.40 2.75 -1.19
N SER C 71 -10.10 2.45 -1.28
CA SER C 71 -9.53 2.00 -2.53
C SER C 71 -8.41 1.00 -2.25
N GLY C 72 -7.91 0.44 -3.36
CA GLY C 72 -6.96 -0.64 -3.36
C GLY C 72 -7.53 -2.02 -3.60
N SER C 73 -6.64 -2.92 -3.98
CA SER C 73 -6.98 -4.34 -4.19
C SER C 73 -5.72 -5.13 -4.02
N GLY C 74 -5.83 -6.35 -3.52
CA GLY C 74 -4.64 -7.15 -3.21
C GLY C 74 -4.17 -6.92 -1.77
N THR C 75 -3.07 -6.18 -1.62
CA THR C 75 -2.49 -5.92 -0.34
C THR C 75 -2.47 -4.45 0.08
N ASP C 76 -2.50 -3.54 -0.87
CA ASP C 76 -2.24 -2.12 -0.53
C ASP C 76 -3.53 -1.29 -0.63
N PHE C 77 -4.04 -0.86 0.53
CA PHE C 77 -5.38 -0.28 0.60
C PHE C 77 -5.19 1.17 1.13
N THR C 78 -6.15 1.99 0.81
CA THR C 78 -6.18 3.42 1.16
C THR C 78 -7.56 3.86 1.57
N LEU C 79 -7.63 4.64 2.66
CA LEU C 79 -8.84 5.33 3.04
C LEU C 79 -8.58 6.82 2.80
N THR C 80 -9.46 7.45 2.00
CA THR C 80 -9.26 8.82 1.62
C THR C 80 -10.45 9.61 2.19
N ILE C 81 -10.20 10.76 2.78
CA ILE C 81 -11.29 11.67 3.12
C ILE C 81 -11.08 12.91 2.23
N SER C 82 -12.04 13.17 1.34
CA SER C 82 -11.81 14.12 0.23
C SER C 82 -11.64 15.54 0.72
N SER C 83 -12.40 15.85 1.75
CA SER C 83 -12.37 17.19 2.38
C SER C 83 -12.68 17.02 3.86
N VAL C 84 -11.64 17.00 4.69
CA VAL C 84 -11.81 16.61 6.08
C VAL C 84 -12.55 17.67 6.89
N LYS C 85 -13.46 17.22 7.72
CA LYS C 85 -14.21 18.06 8.65
C LYS C 85 -13.67 17.82 10.08
N ALA C 86 -13.92 18.76 10.98
CA ALA C 86 -13.52 18.57 12.37
C ALA C 86 -14.11 17.33 13.04
N GLU C 87 -15.34 16.93 12.67
CA GLU C 87 -16.00 15.79 13.21
C GLU C 87 -15.34 14.49 12.75
N ASP C 88 -14.34 14.60 11.90
CA ASP C 88 -13.65 13.37 11.35
C ASP C 88 -12.38 13.09 12.15
N LEU C 89 -12.11 13.90 13.19
CA LEU C 89 -10.92 13.63 14.04
C LEU C 89 -11.30 12.40 14.87
N ALA C 90 -10.48 11.33 14.74
CA ALA C 90 -10.80 9.95 15.25
C ALA C 90 -9.63 9.06 14.93
N VAL C 91 -9.73 7.84 15.39
CA VAL C 91 -8.78 6.82 15.00
C VAL C 91 -9.44 5.96 13.93
N TYR C 92 -8.72 5.65 12.87
CA TYR C 92 -9.24 4.82 11.76
C TYR C 92 -8.49 3.49 11.76
N PHE C 93 -9.23 2.40 11.68
CA PHE C 93 -8.63 1.03 11.64
C PHE C 93 -9.03 0.28 10.41
N CYS C 94 -8.12 -0.51 9.90
CA CYS C 94 -8.48 -1.50 8.94
C CYS C 94 -8.53 -2.88 9.49
N GLN C 95 -9.28 -3.74 8.83
CA GLN C 95 -9.44 -5.14 9.28
C GLN C 95 -9.58 -6.06 8.09
N GLN C 96 -8.85 -7.19 8.13
CA GLN C 96 -9.08 -8.24 7.12
C GLN C 96 -10.09 -9.30 7.62
N TYR C 97 -10.87 -9.85 6.68
CA TYR C 97 -11.77 -11.01 6.95
C TYR C 97 -11.64 -12.07 5.80
N TYR C 98 -10.42 -12.24 5.32
CA TYR C 98 -10.05 -13.34 4.40
C TYR C 98 -10.03 -14.64 5.19
N THR C 99 -9.50 -14.58 6.42
CA THR C 99 -9.31 -15.81 7.20
C THR C 99 -9.29 -15.49 8.69
N TYR C 100 -9.60 -16.48 9.50
CA TYR C 100 -9.30 -16.44 10.95
C TYR C 100 -7.84 -16.75 11.28
N PRO C 101 -7.27 -16.12 12.34
CA PRO C 101 -7.99 -15.14 13.18
C PRO C 101 -8.20 -13.78 12.41
N LEU C 102 -9.31 -13.13 12.68
CA LEU C 102 -9.44 -11.73 12.19
C LEU C 102 -8.38 -10.87 12.79
N THR C 103 -7.91 -9.91 12.01
CA THR C 103 -6.81 -9.07 12.42
C THR C 103 -7.02 -7.66 11.95
N PHE C 104 -6.56 -6.74 12.78
CA PHE C 104 -6.79 -5.27 12.61
C PHE C 104 -5.44 -4.57 12.55
N GLY C 105 -5.35 -3.45 11.84
CA GLY C 105 -4.19 -2.61 11.94
C GLY C 105 -4.19 -1.82 13.22
N ALA C 106 -3.08 -1.16 13.53
CA ALA C 106 -2.89 -0.47 14.78
C ALA C 106 -3.54 0.91 14.83
N GLY C 107 -4.08 1.33 13.72
CA GLY C 107 -4.84 2.56 13.64
C GLY C 107 -4.02 3.70 13.09
N THR C 108 -4.75 4.68 12.57
CA THR C 108 -4.17 5.99 12.19
C THR C 108 -5.03 6.99 12.92
N LYS C 109 -4.40 7.79 13.79
CA LYS C 109 -5.15 8.81 14.50
C LYS C 109 -5.03 10.16 13.82
N LEU C 110 -6.18 10.81 13.54
CA LEU C 110 -6.17 12.15 12.98
C LEU C 110 -6.27 13.16 14.12
N GLU C 111 -5.35 14.12 14.15
CA GLU C 111 -5.29 15.18 15.15
C GLU C 111 -5.25 16.47 14.30
N LEU C 112 -5.49 17.60 14.96
CA LEU C 112 -5.49 18.87 14.29
C LEU C 112 -4.09 19.46 14.28
N LYS C 113 -3.65 19.86 13.10
CA LYS C 113 -2.42 20.66 12.94
C LYS C 113 -2.59 22.03 13.62
N ARG C 114 -1.51 22.49 14.25
CA ARG C 114 -1.35 23.89 14.69
C ARG C 114 0.18 24.19 14.61
N ALA C 115 0.54 25.44 14.93
CA ALA C 115 1.96 25.81 14.97
C ALA C 115 2.65 25.17 16.13
N ASP C 116 3.91 24.82 15.93
CA ASP C 116 4.70 24.20 16.95
C ASP C 116 4.80 25.16 18.14
N ALA C 117 4.86 24.59 19.34
CA ALA C 117 4.82 25.30 20.59
C ALA C 117 5.64 24.56 21.64
N ALA C 118 6.62 25.23 22.21
CA ALA C 118 7.38 24.65 23.34
C ALA C 118 6.50 24.62 24.57
N PRO C 119 6.77 23.70 25.49
CA PRO C 119 5.99 23.65 26.73
C PRO C 119 6.36 24.75 27.69
N THR C 120 5.42 25.20 28.48
CA THR C 120 5.67 25.99 29.67
C THR C 120 5.90 24.96 30.79
N VAL C 121 7.07 24.99 31.42
CA VAL C 121 7.46 24.02 32.41
C VAL C 121 7.46 24.65 33.83
N SER C 122 6.90 23.91 34.78
CA SER C 122 6.94 24.28 36.20
C SER C 122 7.22 23.04 37.05
N ILE C 123 7.91 23.28 38.16
CA ILE C 123 8.37 22.22 39.07
C ILE C 123 7.93 22.52 40.49
N PHE C 124 7.55 21.46 41.19
CA PHE C 124 6.92 21.58 42.51
C PHE C 124 7.53 20.57 43.48
N PRO C 125 8.11 21.08 44.59
CA PRO C 125 8.58 20.18 45.64
C PRO C 125 7.42 19.50 46.36
N PRO C 126 7.72 18.42 47.10
CA PRO C 126 6.77 17.80 48.03
C PRO C 126 6.15 18.82 48.97
N SER C 127 4.88 18.66 49.27
CA SER C 127 4.25 19.50 50.26
C SER C 127 4.72 19.07 51.64
N SER C 128 4.70 19.98 52.58
CA SER C 128 4.98 19.64 54.00
C SER C 128 4.03 18.50 54.43
N GLU C 129 2.76 18.57 53.99
CA GLU C 129 1.72 17.58 54.31
C GLU C 129 2.11 16.18 53.86
N GLN C 130 2.62 16.04 52.64
CA GLN C 130 3.04 14.73 52.18
C GLN C 130 4.28 14.21 52.93
N LEU C 131 5.22 15.12 53.22
CA LEU C 131 6.46 14.75 53.93
C LEU C 131 6.09 14.17 55.31
N THR C 132 5.21 14.87 56.03
CA THR C 132 4.65 14.46 57.33
C THR C 132 4.11 13.06 57.34
N SER C 133 3.56 12.63 56.21
CA SER C 133 3.05 11.28 56.06
C SER C 133 4.13 10.30 55.55
N GLY C 134 5.36 10.77 55.40
CA GLY C 134 6.47 9.88 54.98
C GLY C 134 6.69 9.61 53.50
N GLY C 135 5.97 10.32 52.63
CA GLY C 135 6.19 10.25 51.18
C GLY C 135 6.74 11.56 50.63
N ALA C 136 7.25 11.51 49.41
CA ALA C 136 7.75 12.71 48.70
C ALA C 136 7.64 12.59 47.16
N SER C 137 6.75 13.40 46.60
CA SER C 137 6.53 13.48 45.16
C SER C 137 6.98 14.85 44.68
N VAL C 138 7.80 14.83 43.62
CA VAL C 138 8.22 16.02 42.89
C VAL C 138 7.45 16.03 41.58
N VAL C 139 6.73 17.12 41.33
CA VAL C 139 5.87 17.19 40.13
C VAL C 139 6.40 18.20 39.18
N CYS C 140 6.46 17.81 37.91
N CYS C 140 6.48 17.83 37.90
CA CYS C 140 6.75 18.71 36.81
CA CYS C 140 6.72 18.78 36.84
C CYS C 140 5.55 18.78 35.84
C CYS C 140 5.55 18.79 35.84
N PHE C 141 5.11 19.99 35.51
CA PHE C 141 4.06 20.16 34.48
C PHE C 141 4.73 20.75 33.22
N LEU C 142 4.34 20.23 32.07
CA LEU C 142 4.85 20.69 30.73
C LEU C 142 3.59 20.94 29.92
N ASN C 143 3.22 22.20 29.85
CA ASN C 143 1.92 22.63 29.46
C ASN C 143 1.90 23.33 28.12
N ASN C 144 0.85 22.99 27.33
CA ASN C 144 0.49 23.69 26.12
C ASN C 144 1.56 23.65 25.04
N PHE C 145 2.00 22.46 24.72
CA PHE C 145 3.04 22.26 23.67
C PHE C 145 2.50 21.56 22.44
N TYR C 146 3.25 21.60 21.34
CA TYR C 146 2.82 20.99 20.09
C TYR C 146 4.08 20.80 19.23
N PRO C 147 4.31 19.64 18.65
CA PRO C 147 3.47 18.42 18.60
C PRO C 147 3.60 17.62 19.89
N LYS C 148 2.83 16.50 19.94
CA LYS C 148 2.70 15.75 21.15
C LYS C 148 3.92 14.99 21.69
N ASP C 149 4.87 14.69 20.79
CA ASP C 149 6.06 13.99 21.17
C ASP C 149 6.96 14.86 21.96
N ILE C 150 7.31 14.37 23.13
CA ILE C 150 8.11 15.11 24.07
C ILE C 150 8.81 14.08 24.96
N ASN C 151 9.98 14.46 25.50
CA ASN C 151 10.75 13.59 26.44
C ASN C 151 11.10 14.39 27.69
N VAL C 152 10.85 13.77 28.84
CA VAL C 152 11.17 14.37 30.10
C VAL C 152 12.26 13.50 30.72
N LYS C 153 13.27 14.16 31.28
CA LYS C 153 14.33 13.50 32.01
C LYS C 153 14.44 14.15 33.37
N TRP C 154 14.46 13.31 34.42
CA TRP C 154 14.69 13.77 35.79
C TRP C 154 16.14 13.59 36.17
N LYS C 155 16.67 14.56 36.89
CA LYS C 155 18.01 14.44 37.47
C LYS C 155 17.94 14.84 38.96
N ILE C 156 18.69 14.13 39.78
CA ILE C 156 18.80 14.45 41.22
C ILE C 156 20.26 14.70 41.50
N ASP C 157 20.56 15.87 42.04
CA ASP C 157 21.91 16.35 42.25
C ASP C 157 22.56 16.62 40.89
N GLY C 158 22.79 15.57 40.12
CA GLY C 158 23.09 15.78 38.72
C GLY C 158 22.95 14.52 37.90
N SER C 159 22.38 13.47 38.50
CA SER C 159 22.28 12.17 37.87
C SER C 159 20.84 11.77 37.53
N GLU C 160 20.73 11.15 36.37
CA GLU C 160 19.46 10.82 35.76
C GLU C 160 18.73 9.73 36.55
N ARG C 161 17.42 9.90 36.77
CA ARG C 161 16.59 8.85 37.39
C ARG C 161 15.50 8.33 36.47
N GLN C 162 15.33 7.01 36.44
CA GLN C 162 14.20 6.37 35.78
C GLN C 162 13.17 5.84 36.77
N ASN C 163 13.62 5.35 37.92
CA ASN C 163 12.72 4.74 38.89
C ASN C 163 11.88 5.76 39.61
N GLY C 164 10.59 5.48 39.70
CA GLY C 164 9.69 6.29 40.51
C GLY C 164 9.02 7.40 39.72
N VAL C 165 9.15 7.33 38.38
CA VAL C 165 8.66 8.39 37.46
C VAL C 165 7.44 7.93 36.70
N LEU C 166 6.34 8.64 36.91
CA LEU C 166 5.13 8.35 36.21
C LEU C 166 4.61 9.60 35.53
N ASN C 167 4.29 9.40 34.26
CA ASN C 167 3.83 10.41 33.32
C ASN C 167 2.38 10.25 32.83
N SER C 168 1.70 11.38 32.69
CA SER C 168 0.35 11.42 32.18
C SER C 168 0.23 12.54 31.12
N TRP C 169 -0.37 12.21 30.00
CA TRP C 169 -0.59 13.14 28.88
C TRP C 169 -2.07 13.44 28.69
N THR C 170 -2.43 14.69 28.49
CA THR C 170 -3.79 15.07 28.09
C THR C 170 -3.92 14.69 26.61
N ASP C 171 -5.16 14.53 26.16
CA ASP C 171 -5.50 14.48 24.77
C ASP C 171 -5.39 15.88 24.19
N GLN C 172 -5.53 15.96 22.88
CA GLN C 172 -5.40 17.25 22.25
C GLN C 172 -6.45 18.24 22.76
N ASP C 173 -6.03 19.45 23.14
CA ASP C 173 -6.99 20.43 23.67
C ASP C 173 -7.98 20.88 22.62
N SER C 174 -9.28 20.89 22.99
CA SER C 174 -10.33 21.17 22.03
C SER C 174 -10.42 22.63 21.61
N LYS C 175 -9.78 23.54 22.36
CA LYS C 175 -9.77 24.97 22.01
C LYS C 175 -8.50 25.46 21.33
N ASP C 176 -7.32 25.01 21.79
CA ASP C 176 -6.06 25.54 21.24
C ASP C 176 -5.20 24.50 20.53
N SER C 177 -5.65 23.24 20.54
CA SER C 177 -4.93 22.16 19.79
C SER C 177 -3.56 21.79 20.32
N THR C 178 -3.24 22.19 21.57
CA THR C 178 -2.05 21.79 22.23
C THR C 178 -2.23 20.55 23.08
N TYR C 179 -1.11 20.04 23.57
CA TYR C 179 -1.00 18.88 24.46
C TYR C 179 -0.39 19.38 25.77
N SER C 180 -0.68 18.69 26.86
CA SER C 180 0.03 18.93 28.12
C SER C 180 0.40 17.61 28.78
N MET C 181 1.41 17.65 29.66
CA MET C 181 1.92 16.47 30.28
C MET C 181 2.31 16.76 31.72
N SER C 182 2.09 15.79 32.60
CA SER C 182 2.59 15.88 33.95
C SER C 182 3.58 14.73 34.12
N SER C 183 4.66 15.03 34.83
CA SER C 183 5.67 14.00 35.17
C SER C 183 5.94 14.06 36.67
N THR C 184 5.82 12.94 37.36
CA THR C 184 5.87 12.96 38.80
C THR C 184 6.94 11.95 39.20
N LEU C 185 7.91 12.43 40.00
CA LEU C 185 8.94 11.57 40.59
C LEU C 185 8.57 11.29 42.03
N THR C 186 8.40 10.01 42.36
CA THR C 186 7.99 9.67 43.72
C THR C 186 9.12 8.96 44.48
N LEU C 187 9.45 9.49 45.66
CA LEU C 187 10.52 8.98 46.53
C LEU C 187 10.04 8.84 47.93
N THR C 188 10.83 8.15 48.75
CA THR C 188 10.61 8.16 50.17
C THR C 188 11.06 9.51 50.69
N LYS C 189 10.48 9.89 51.81
CA LYS C 189 10.83 11.09 52.51
C LYS C 189 12.32 11.06 52.85
N ASP C 190 12.83 9.87 53.19
CA ASP C 190 14.24 9.77 53.59
C ASP C 190 15.10 10.12 52.40
N GLU C 191 14.87 9.44 51.28
CA GLU C 191 15.65 9.66 50.06
C GLU C 191 15.60 11.11 49.59
N TYR C 192 14.40 11.66 49.55
CA TYR C 192 14.22 13.02 49.12
C TYR C 192 15.09 14.01 49.98
N GLU C 193 15.16 13.79 51.30
CA GLU C 193 15.88 14.72 52.18
C GLU C 193 17.41 14.52 52.18
N ARG C 194 17.86 13.40 51.60
CA ARG C 194 19.29 13.13 51.35
C ARG C 194 19.88 13.84 50.14
N HIS C 195 19.04 14.31 49.21
CA HIS C 195 19.56 15.03 48.05
C HIS C 195 19.12 16.47 48.13
N ASN C 196 19.62 17.28 47.20
CA ASN C 196 19.34 18.71 47.24
C ASN C 196 18.78 19.35 45.95
N SER C 197 19.42 19.05 44.83
CA SER C 197 18.97 19.54 43.54
C SER C 197 18.01 18.57 42.85
N TYR C 198 16.84 19.07 42.48
CA TYR C 198 15.88 18.29 41.70
C TYR C 198 15.64 19.00 40.42
N THR C 199 15.73 18.25 39.34
CA THR C 199 15.63 18.84 38.02
C THR C 199 14.75 18.06 37.09
N CYS C 200 13.89 18.80 36.36
N CYS C 200 13.89 18.77 36.38
CA CYS C 200 13.08 18.29 35.29
CA CYS C 200 13.16 18.15 35.30
C CYS C 200 13.57 18.87 33.97
C CYS C 200 13.55 18.84 33.98
N GLU C 201 13.87 18.03 32.98
CA GLU C 201 14.33 18.55 31.69
C GLU C 201 13.45 18.04 30.57
N ALA C 202 12.92 18.99 29.80
CA ALA C 202 12.06 18.74 28.64
C ALA C 202 12.85 18.94 27.37
N THR C 203 12.88 17.90 26.54
CA THR C 203 13.33 17.91 25.16
C THR C 203 12.18 17.79 24.17
N HIS C 204 12.13 18.75 23.28
CA HIS C 204 11.04 18.87 22.31
C HIS C 204 11.54 19.44 21.02
N LYS C 205 10.83 19.17 19.94
CA LYS C 205 11.24 19.61 18.58
C LYS C 205 11.51 21.12 18.46
N THR C 206 10.89 21.90 19.32
CA THR C 206 10.93 23.38 19.25
C THR C 206 12.18 24.03 19.80
N SER C 207 13.06 23.22 20.38
CA SER C 207 14.32 23.75 20.86
C SER C 207 15.39 22.74 20.65
N THR C 208 16.54 23.25 20.28
CA THR C 208 17.70 22.37 20.12
C THR C 208 18.29 21.91 21.47
N SER C 209 17.98 22.60 22.57
CA SER C 209 18.40 22.32 23.94
C SER C 209 17.21 22.18 24.92
N PRO C 210 17.38 21.45 26.03
CA PRO C 210 16.24 21.27 26.92
C PRO C 210 15.81 22.49 27.73
N ILE C 211 14.54 22.51 28.14
CA ILE C 211 14.04 23.48 29.12
C ILE C 211 14.19 22.86 30.46
N VAL C 212 14.84 23.57 31.39
CA VAL C 212 15.29 23.02 32.63
C VAL C 212 14.63 23.82 33.72
N LYS C 213 13.93 23.11 34.58
CA LYS C 213 13.45 23.69 35.80
C LYS C 213 14.00 22.87 36.94
N SER C 214 14.43 23.55 37.98
CA SER C 214 15.11 22.92 39.06
C SER C 214 14.84 23.65 40.35
N PHE C 215 14.93 22.96 41.46
CA PHE C 215 14.99 23.67 42.78
C PHE C 215 15.98 22.97 43.68
N ASN C 216 16.47 23.71 44.67
CA ASN C 216 17.25 23.10 45.73
C ASN C 216 16.36 23.00 46.95
N ARG C 217 16.24 21.79 47.48
CA ARG C 217 15.40 21.53 48.63
C ARG C 217 15.73 22.47 49.80
N ASN C 218 17.02 22.72 50.02
CA ASN C 218 17.45 23.66 51.06
C ASN C 218 16.99 25.11 50.87
N GLU C 219 16.59 25.47 49.66
CA GLU C 219 16.41 26.89 49.29
C GLU C 219 15.01 27.17 48.73
N ASP D 1 31.06 4.74 -20.69
CA ASP D 1 29.83 4.76 -19.83
C ASP D 1 29.90 3.51 -19.03
N ILE D 2 29.24 3.53 -17.90
CA ILE D 2 29.13 2.39 -17.07
C ILE D 2 28.12 1.44 -17.64
N VAL D 3 28.58 0.23 -17.91
CA VAL D 3 27.74 -0.79 -18.45
C VAL D 3 27.20 -1.65 -17.37
N MET D 4 25.87 -1.79 -17.36
CA MET D 4 25.18 -2.59 -16.40
C MET D 4 24.63 -3.88 -17.02
N SER D 5 25.08 -4.98 -16.47
CA SER D 5 24.78 -6.33 -17.06
C SER D 5 23.97 -7.17 -16.09
N GLN D 6 22.70 -7.36 -16.47
CA GLN D 6 21.76 -8.16 -15.73
C GLN D 6 21.62 -9.56 -16.33
N SER D 7 21.55 -10.51 -15.45
CA SER D 7 21.36 -11.92 -15.84
C SER D 7 20.56 -12.62 -14.75
N PRO D 8 19.69 -13.59 -15.12
CA PRO D 8 19.27 -13.91 -16.48
C PRO D 8 18.28 -12.91 -17.03
N SER D 9 18.00 -12.89 -18.32
CA SER D 9 16.98 -11.99 -18.85
C SER D 9 15.56 -12.41 -18.43
N SER D 10 15.35 -13.73 -18.28
CA SER D 10 14.07 -14.28 -17.89
C SER D 10 14.32 -15.42 -16.92
N LEU D 11 13.41 -15.56 -15.95
CA LEU D 11 13.51 -16.59 -14.96
C LEU D 11 12.11 -17.13 -14.63
N ALA D 12 11.94 -18.44 -14.75
CA ALA D 12 10.66 -19.14 -14.40
C ALA D 12 10.74 -19.49 -12.94
N VAL D 13 9.72 -19.12 -12.23
CA VAL D 13 9.63 -19.26 -10.82
C VAL D 13 8.36 -20.02 -10.40
N SER D 14 8.42 -20.50 -9.16
CA SER D 14 7.24 -21.05 -8.49
C SER D 14 7.01 -20.35 -7.18
N VAL D 15 5.76 -20.06 -6.88
CA VAL D 15 5.40 -19.39 -5.66
C VAL D 15 6.01 -20.10 -4.45
N GLY D 16 6.58 -19.30 -3.56
CA GLY D 16 7.32 -19.83 -2.40
C GLY D 16 8.81 -20.08 -2.56
N GLU D 17 9.34 -20.04 -3.80
CA GLU D 17 10.73 -20.24 -4.05
C GLU D 17 11.53 -18.98 -3.66
N LYS D 18 12.74 -19.23 -3.21
CA LYS D 18 13.75 -18.16 -3.09
C LYS D 18 14.33 -17.97 -4.48
N VAL D 19 14.35 -16.72 -4.96
CA VAL D 19 14.97 -16.50 -6.24
C VAL D 19 15.91 -15.26 -6.22
N SER D 20 16.85 -15.31 -7.10
CA SER D 20 17.98 -14.34 -7.11
C SER D 20 18.21 -13.88 -8.50
N MET D 21 18.55 -12.61 -8.69
CA MET D 21 18.96 -12.16 -10.00
C MET D 21 20.18 -11.23 -9.88
N SER D 22 20.99 -11.23 -10.92
CA SER D 22 22.29 -10.58 -10.88
C SER D 22 22.35 -9.23 -11.67
N CYS D 23 23.08 -8.26 -11.12
CA CYS D 23 23.34 -6.97 -11.77
C CYS D 23 24.82 -6.65 -11.57
N LYS D 24 25.62 -6.68 -12.63
CA LYS D 24 27.06 -6.41 -12.56
C LYS D 24 27.35 -5.12 -13.26
N SER D 25 28.16 -4.26 -12.65
CA SER D 25 28.54 -3.00 -13.28
C SER D 25 29.98 -3.09 -13.79
N SER D 26 30.27 -2.38 -14.83
CA SER D 26 31.67 -2.36 -15.40
C SER D 26 32.69 -1.64 -14.52
N GLN D 27 32.22 -0.82 -13.59
CA GLN D 27 33.01 0.03 -12.69
C GLN D 27 32.39 -0.12 -11.30
N SER D 28 33.19 -0.02 -10.26
CA SER D 28 32.70 0.02 -8.92
C SER D 28 31.78 1.17 -8.70
N LEU D 29 30.66 0.87 -8.06
CA LEU D 29 29.71 1.91 -7.67
C LEU D 29 29.81 2.31 -6.21
N PHE D 30 30.86 1.87 -5.52
CA PHE D 30 31.04 2.17 -4.11
C PHE D 30 31.58 3.60 -4.02
N TYR D 31 30.88 4.44 -3.27
CA TYR D 31 31.19 5.85 -3.13
C TYR D 31 31.67 6.04 -1.69
N SER D 32 33.00 6.14 -1.56
CA SER D 32 33.63 6.13 -0.22
C SER D 32 33.20 7.24 0.72
N SER D 33 32.83 8.40 0.15
CA SER D 33 32.32 9.49 1.00
C SER D 33 31.07 9.17 1.74
N TYR D 34 30.15 8.39 1.18
CA TYR D 34 28.95 7.95 1.83
C TYR D 34 29.13 6.57 2.55
N GLN D 35 30.12 5.80 2.07
CA GLN D 35 30.24 4.34 2.37
C GLN D 35 29.00 3.59 1.96
N LYS D 36 28.51 3.97 0.78
CA LYS D 36 27.37 3.35 0.10
C LYS D 36 27.63 3.13 -1.36
N ASP D 37 26.92 2.12 -1.93
CA ASP D 37 26.93 1.87 -3.34
C ASP D 37 25.74 2.58 -4.07
N LEU D 38 26.05 3.19 -5.23
CA LEU D 38 25.16 4.09 -5.93
C LEU D 38 24.36 3.33 -7.01
N LEU D 39 23.48 2.47 -6.48
CA LEU D 39 22.70 1.47 -7.26
C LEU D 39 21.25 1.42 -6.79
N ALA D 40 20.31 1.41 -7.73
CA ALA D 40 18.90 1.20 -7.44
C ALA D 40 18.34 0.02 -8.22
N TRP D 41 17.25 -0.54 -7.64
CA TRP D 41 16.42 -1.53 -8.32
C TRP D 41 15.02 -1.04 -8.49
N TYR D 42 14.41 -1.39 -9.61
CA TYR D 42 13.00 -1.08 -9.95
C TYR D 42 12.31 -2.37 -10.29
N GLN D 43 11.00 -2.29 -10.11
CA GLN D 43 10.05 -3.32 -10.52
C GLN D 43 9.09 -2.71 -11.55
N GLN D 44 8.90 -3.36 -12.68
CA GLN D 44 7.94 -2.86 -13.64
C GLN D 44 6.93 -3.92 -14.12
N LYS D 45 5.66 -3.56 -14.11
CA LYS D 45 4.57 -4.42 -14.68
C LYS D 45 4.01 -3.84 -15.99
N PRO D 46 3.35 -4.69 -16.83
CA PRO D 46 2.87 -4.27 -18.12
C PRO D 46 1.98 -3.07 -18.00
N GLY D 47 2.24 -2.08 -18.83
CA GLY D 47 1.43 -0.89 -18.92
C GLY D 47 1.65 0.14 -17.86
N GLN D 48 2.64 -0.09 -16.99
CA GLN D 48 2.93 0.82 -15.89
C GLN D 48 4.36 1.30 -16.01
N SER D 49 4.63 2.45 -15.41
CA SER D 49 5.99 2.93 -15.26
C SER D 49 6.75 2.07 -14.27
N PRO D 50 8.10 2.10 -14.34
CA PRO D 50 8.80 1.40 -13.28
C PRO D 50 8.47 1.95 -11.88
N LYS D 51 8.51 1.10 -10.88
CA LYS D 51 8.38 1.46 -9.45
C LYS D 51 9.73 1.22 -8.74
N LEU D 52 10.16 2.20 -7.95
CA LEU D 52 11.41 2.07 -7.22
C LEU D 52 11.23 1.00 -6.13
N LEU D 53 12.15 0.07 -6.01
CA LEU D 53 12.21 -0.95 -4.93
C LEU D 53 13.26 -0.73 -3.86
N ILE D 54 14.50 -0.51 -4.32
CA ILE D 54 15.68 -0.45 -3.51
C ILE D 54 16.57 0.72 -3.98
N TYR D 55 17.16 1.43 -3.04
CA TYR D 55 18.20 2.42 -3.35
C TYR D 55 19.42 2.23 -2.44
N TRP D 56 20.52 2.88 -2.80
CA TRP D 56 21.83 2.63 -2.21
C TRP D 56 22.13 1.09 -2.00
N ALA D 57 21.81 0.32 -3.06
CA ALA D 57 22.05 -1.12 -3.18
C ALA D 57 21.19 -2.00 -2.25
N SER D 58 20.83 -1.53 -1.07
CA SER D 58 20.18 -2.41 -0.10
C SER D 58 19.13 -1.74 0.78
N THR D 59 18.84 -0.47 0.59
CA THR D 59 17.68 0.16 1.28
C THR D 59 16.36 0.03 0.59
N ARG D 60 15.40 -0.68 1.21
CA ARG D 60 14.06 -0.75 0.67
C ARG D 60 13.36 0.56 0.73
N GLU D 61 12.76 0.92 -0.37
CA GLU D 61 11.80 2.02 -0.49
C GLU D 61 10.60 1.72 0.44
N SER D 62 10.10 2.76 1.12
CA SER D 62 9.04 2.54 2.10
C SER D 62 7.83 1.91 1.41
N GLY D 63 7.29 0.90 2.08
CA GLY D 63 6.16 0.16 1.53
C GLY D 63 6.55 -1.08 0.78
N VAL D 64 7.84 -1.28 0.49
CA VAL D 64 8.25 -2.52 -0.19
C VAL D 64 8.40 -3.69 0.79
N PRO D 65 7.63 -4.76 0.53
CA PRO D 65 7.74 -5.90 1.40
C PRO D 65 9.16 -6.36 1.74
N ASP D 66 9.32 -6.78 2.97
CA ASP D 66 10.54 -7.40 3.45
C ASP D 66 11.19 -8.57 2.71
N ARG D 67 10.42 -9.31 1.88
CA ARG D 67 11.01 -10.39 1.10
C ARG D 67 11.98 -9.94 0.00
N PHE D 68 11.97 -8.65 -0.32
CA PHE D 68 12.91 -8.12 -1.28
C PHE D 68 14.17 -7.66 -0.56
N THR D 69 15.29 -8.23 -0.97
CA THR D 69 16.59 -7.86 -0.40
C THR D 69 17.58 -7.55 -1.50
N GLY D 70 18.14 -6.33 -1.43
CA GLY D 70 19.25 -5.97 -2.27
C GLY D 70 20.56 -6.15 -1.57
N SER D 71 21.55 -6.69 -2.25
CA SER D 71 22.85 -7.03 -1.68
C SER D 71 23.96 -6.78 -2.66
N GLY D 72 25.19 -6.85 -2.15
CA GLY D 72 26.38 -6.66 -2.92
C GLY D 72 26.97 -5.26 -2.76
N SER D 73 28.24 -5.16 -3.12
CA SER D 73 29.02 -3.90 -3.04
C SER D 73 30.12 -3.99 -4.07
N GLY D 74 30.49 -2.85 -4.67
CA GLY D 74 31.45 -2.81 -5.71
C GLY D 74 30.84 -2.91 -7.11
N THR D 75 31.06 -4.06 -7.75
CA THR D 75 30.54 -4.28 -9.07
C THR D 75 29.40 -5.31 -9.08
N ASP D 76 29.35 -6.21 -8.11
CA ASP D 76 28.44 -7.39 -8.20
C ASP D 76 27.32 -7.31 -7.25
N PHE D 77 26.10 -7.12 -7.78
CA PHE D 77 24.90 -6.88 -6.98
C PHE D 77 23.88 -8.00 -7.23
N THR D 78 23.05 -8.16 -6.27
CA THR D 78 21.98 -9.18 -6.30
C THR D 78 20.71 -8.66 -5.75
N LEU D 79 19.60 -9.00 -6.43
CA LEU D 79 18.26 -8.81 -5.86
C LEU D 79 17.72 -10.24 -5.56
N THR D 80 17.33 -10.44 -4.32
CA THR D 80 16.81 -11.73 -3.83
C THR D 80 15.39 -11.51 -3.36
N ILE D 81 14.48 -12.47 -3.71
CA ILE D 81 13.10 -12.44 -3.20
C ILE D 81 13.03 -13.81 -2.40
N SER D 82 12.89 -13.67 -1.11
CA SER D 82 13.10 -14.77 -0.18
C SER D 82 12.05 -15.86 -0.41
N SER D 83 10.82 -15.43 -0.68
CA SER D 83 9.65 -16.36 -0.91
C SER D 83 8.73 -15.68 -1.90
N VAL D 84 8.90 -16.01 -3.19
CA VAL D 84 8.28 -15.24 -4.26
C VAL D 84 6.78 -15.44 -4.20
N LYS D 85 6.04 -14.41 -4.48
CA LYS D 85 4.59 -14.41 -4.61
C LYS D 85 4.18 -14.16 -6.03
N ALA D 86 2.93 -14.49 -6.34
CA ALA D 86 2.46 -14.31 -7.72
C ALA D 86 2.52 -12.85 -8.15
N GLU D 87 2.28 -11.94 -7.21
CA GLU D 87 2.22 -10.57 -7.54
C GLU D 87 3.64 -10.01 -7.79
N ASP D 88 4.66 -10.87 -7.71
CA ASP D 88 6.04 -10.44 -7.93
C ASP D 88 6.43 -10.68 -9.41
N LEU D 89 5.52 -11.21 -10.23
CA LEU D 89 5.79 -11.44 -11.64
C LEU D 89 5.84 -10.07 -12.27
N ALA D 90 7.02 -9.72 -12.85
CA ALA D 90 7.32 -8.42 -13.31
C ALA D 90 8.72 -8.41 -13.94
N VAL D 91 9.10 -7.26 -14.51
CA VAL D 91 10.52 -7.10 -14.93
C VAL D 91 11.28 -6.26 -13.89
N TYR D 92 12.46 -6.68 -13.52
CA TYR D 92 13.28 -5.98 -12.52
C TYR D 92 14.49 -5.38 -13.21
N PHE D 93 14.75 -4.09 -13.01
CA PHE D 93 15.89 -3.41 -13.54
C PHE D 93 16.79 -2.90 -12.44
N CYS D 94 18.10 -2.89 -12.73
CA CYS D 94 19.05 -2.13 -11.91
C CYS D 94 19.57 -0.89 -12.66
N GLN D 95 19.96 0.09 -11.88
CA GLN D 95 20.43 1.35 -12.41
C GLN D 95 21.56 1.90 -11.56
N GLN D 96 22.64 2.35 -12.22
CA GLN D 96 23.70 3.07 -11.49
C GLN D 96 23.39 4.61 -11.48
N TYR D 97 23.77 5.24 -10.40
CA TYR D 97 23.84 6.73 -10.28
C TYR D 97 25.15 7.25 -9.75
N TYR D 98 26.25 6.58 -10.12
CA TYR D 98 27.62 7.03 -9.83
C TYR D 98 28.02 8.18 -10.73
N THR D 99 27.64 8.08 -12.02
CA THR D 99 27.97 9.10 -12.96
C THR D 99 26.97 9.22 -14.06
N TYR D 100 26.92 10.41 -14.72
CA TYR D 100 26.19 10.54 -15.97
C TYR D 100 27.06 10.00 -17.13
N PRO D 101 26.46 9.41 -18.16
CA PRO D 101 25.02 9.19 -18.30
C PRO D 101 24.54 8.10 -17.34
N LEU D 102 23.32 8.30 -16.74
CA LEU D 102 22.74 7.17 -15.97
C LEU D 102 22.53 6.00 -16.92
N THR D 103 22.75 4.82 -16.39
CA THR D 103 22.59 3.61 -17.17
C THR D 103 21.89 2.53 -16.37
N PHE D 104 21.12 1.74 -17.10
CA PHE D 104 20.30 0.65 -16.59
C PHE D 104 20.71 -0.68 -17.16
N GLY D 105 20.49 -1.76 -16.43
CA GLY D 105 20.57 -3.08 -17.02
C GLY D 105 19.33 -3.39 -17.83
N ALA D 106 19.46 -4.46 -18.59
CA ALA D 106 18.38 -4.85 -19.48
C ALA D 106 17.16 -5.58 -18.93
N GLY D 107 17.21 -5.87 -17.66
CA GLY D 107 16.00 -6.32 -16.93
C GLY D 107 16.09 -7.82 -16.79
N THR D 108 15.44 -8.31 -15.76
CA THR D 108 15.16 -9.75 -15.54
C THR D 108 13.66 -9.89 -15.39
N LYS D 109 13.07 -10.68 -16.25
CA LYS D 109 11.60 -10.85 -16.23
C LYS D 109 11.32 -12.15 -15.48
N LEU D 110 10.46 -12.08 -14.48
CA LEU D 110 10.02 -13.29 -13.78
C LEU D 110 8.72 -13.74 -14.39
N GLU D 111 8.68 -15.01 -14.80
CA GLU D 111 7.51 -15.65 -15.35
C GLU D 111 7.23 -16.90 -14.52
N LEU D 112 6.07 -17.53 -14.73
CA LEU D 112 5.64 -18.69 -13.93
C LEU D 112 6.04 -20.00 -14.54
N LYS D 113 6.67 -20.88 -13.74
CA LYS D 113 7.00 -22.20 -14.15
C LYS D 113 5.69 -23.04 -14.34
N ARG D 114 5.71 -23.88 -15.35
CA ARG D 114 4.66 -24.94 -15.52
C ARG D 114 5.37 -26.12 -16.18
N ALA D 115 4.67 -27.24 -16.35
CA ALA D 115 5.20 -28.39 -17.02
C ALA D 115 5.34 -28.11 -18.51
N ASP D 116 6.36 -28.68 -19.08
CA ASP D 116 6.59 -28.49 -20.48
C ASP D 116 5.43 -29.01 -21.34
N ALA D 117 5.18 -28.35 -22.46
CA ALA D 117 4.06 -28.63 -23.33
C ALA D 117 4.44 -28.39 -24.74
N ALA D 118 4.21 -29.37 -25.63
CA ALA D 118 4.38 -29.21 -27.09
C ALA D 118 3.29 -28.28 -27.67
N PRO D 119 3.58 -27.51 -28.72
CA PRO D 119 2.51 -26.74 -29.36
C PRO D 119 1.50 -27.61 -30.06
N THR D 120 0.28 -27.13 -30.09
CA THR D 120 -0.73 -27.58 -31.02
C THR D 120 -0.57 -26.72 -32.24
N VAL D 121 -0.26 -27.36 -33.37
CA VAL D 121 0.05 -26.67 -34.60
C VAL D 121 -1.10 -26.79 -35.63
N SER D 122 -1.47 -25.68 -36.24
CA SER D 122 -2.47 -25.68 -37.28
C SER D 122 -1.99 -24.74 -38.41
N ILE D 123 -2.37 -25.08 -39.66
CA ILE D 123 -2.00 -24.30 -40.85
C ILE D 123 -3.22 -23.97 -41.71
N PHE D 124 -3.16 -22.79 -42.32
CA PHE D 124 -4.29 -22.24 -43.03
C PHE D 124 -3.82 -21.63 -44.35
N PRO D 125 -4.35 -22.16 -45.45
CA PRO D 125 -4.14 -21.52 -46.74
C PRO D 125 -4.73 -20.11 -46.84
N PRO D 126 -4.28 -19.35 -47.84
CA PRO D 126 -4.97 -18.05 -48.18
C PRO D 126 -6.48 -18.26 -48.38
N SER D 127 -7.28 -17.32 -47.88
CA SER D 127 -8.66 -17.33 -48.15
C SER D 127 -8.96 -17.00 -49.62
N SER D 128 -10.10 -17.48 -50.12
CA SER D 128 -10.58 -17.15 -51.49
C SER D 128 -10.66 -15.63 -51.61
N GLU D 129 -11.10 -14.98 -50.54
CA GLU D 129 -11.16 -13.50 -50.50
C GLU D 129 -9.86 -12.79 -50.69
N GLN D 130 -8.78 -13.23 -50.00
CA GLN D 130 -7.54 -12.59 -50.15
C GLN D 130 -6.99 -12.84 -51.58
N LEU D 131 -7.18 -14.06 -52.07
CA LEU D 131 -6.67 -14.44 -53.38
C LEU D 131 -7.27 -13.48 -54.44
N THR D 132 -8.61 -13.34 -54.37
CA THR D 132 -9.40 -12.45 -55.22
C THR D 132 -8.89 -11.02 -55.24
N SER D 133 -8.30 -10.59 -54.13
CA SER D 133 -7.69 -9.27 -54.02
C SER D 133 -6.23 -9.28 -54.40
N GLY D 134 -5.72 -10.42 -54.85
CA GLY D 134 -4.34 -10.50 -55.34
C GLY D 134 -3.19 -10.72 -54.35
N GLY D 135 -3.52 -11.02 -53.10
CA GLY D 135 -2.52 -11.38 -52.06
C GLY D 135 -2.67 -12.81 -51.62
N ALA D 136 -1.64 -13.33 -50.93
CA ALA D 136 -1.67 -14.67 -50.39
C ALA D 136 -0.78 -14.83 -49.14
N SER D 137 -1.48 -14.98 -48.01
CA SER D 137 -0.87 -15.19 -46.70
C SER D 137 -1.23 -16.61 -46.22
N VAL D 138 -0.18 -17.36 -45.87
CA VAL D 138 -0.26 -18.73 -45.27
C VAL D 138 0.04 -18.55 -43.78
N VAL D 139 -0.92 -18.98 -42.94
CA VAL D 139 -0.81 -18.73 -41.49
C VAL D 139 -0.63 -20.09 -40.76
N CYS D 140 0.32 -20.11 -39.84
N CYS D 140 0.31 -20.16 -39.83
CA CYS D 140 0.54 -21.22 -38.93
CA CYS D 140 0.43 -21.30 -38.92
C CYS D 140 0.37 -20.73 -37.49
C CYS D 140 0.35 -20.76 -37.51
N PHE D 141 -0.45 -21.43 -36.69
CA PHE D 141 -0.50 -21.18 -35.28
C PHE D 141 0.22 -22.31 -34.55
N LEU D 142 0.97 -21.95 -33.51
CA LEU D 142 1.67 -22.90 -32.63
C LEU D 142 1.23 -22.51 -31.20
N ASN D 143 0.24 -23.24 -30.68
CA ASN D 143 -0.47 -22.82 -29.50
C ASN D 143 -0.16 -23.61 -28.25
N ASN D 144 -0.15 -22.90 -27.12
CA ASN D 144 -0.21 -23.47 -25.80
C ASN D 144 0.95 -24.36 -25.51
N PHE D 145 2.14 -23.80 -25.74
CA PHE D 145 3.38 -24.52 -25.51
C PHE D 145 4.13 -23.96 -24.34
N TYR D 146 5.11 -24.71 -23.88
CA TYR D 146 5.96 -24.27 -22.75
C TYR D 146 7.22 -25.14 -22.82
N PRO D 147 8.43 -24.56 -22.67
CA PRO D 147 8.77 -23.14 -22.42
C PRO D 147 8.66 -22.30 -23.70
N LYS D 148 8.92 -20.99 -23.56
CA LYS D 148 8.67 -20.05 -24.58
C LYS D 148 9.54 -20.14 -25.86
N ASP D 149 10.74 -20.69 -25.74
CA ASP D 149 11.60 -20.83 -26.88
C ASP D 149 11.07 -21.86 -27.92
N ILE D 150 10.98 -21.42 -29.18
CA ILE D 150 10.47 -22.19 -30.20
C ILE D 150 10.96 -21.66 -31.51
N ASN D 151 10.94 -22.52 -32.50
CA ASN D 151 11.31 -22.17 -33.85
C ASN D 151 10.29 -22.70 -34.86
N VAL D 152 10.03 -21.86 -35.85
N VAL D 152 9.98 -21.83 -35.83
CA VAL D 152 9.17 -22.22 -36.95
CA VAL D 152 9.16 -22.17 -37.00
C VAL D 152 9.99 -22.10 -38.23
C VAL D 152 9.94 -22.06 -38.28
N LYS D 153 9.83 -23.09 -39.12
CA LYS D 153 10.49 -23.09 -40.40
C LYS D 153 9.44 -23.36 -41.44
N TRP D 154 9.42 -22.51 -42.48
CA TRP D 154 8.56 -22.67 -43.60
C TRP D 154 9.25 -23.39 -44.75
N LYS D 155 8.54 -24.30 -45.37
CA LYS D 155 9.03 -24.91 -46.62
C LYS D 155 7.95 -24.79 -47.71
N ILE D 156 8.38 -24.55 -48.96
CA ILE D 156 7.52 -24.50 -50.11
C ILE D 156 8.11 -25.55 -51.06
N ASP D 157 7.34 -26.59 -51.30
CA ASP D 157 7.75 -27.75 -52.15
C ASP D 157 9.10 -28.22 -51.68
N GLY D 158 9.18 -28.31 -50.36
CA GLY D 158 10.36 -28.72 -49.67
C GLY D 158 11.56 -27.81 -49.56
N SER D 159 11.51 -26.60 -50.12
CA SER D 159 12.60 -25.63 -49.97
C SER D 159 12.26 -24.61 -48.87
N GLU D 160 13.20 -24.39 -47.99
CA GLU D 160 13.02 -23.48 -46.85
C GLU D 160 12.81 -22.09 -47.39
N ARG D 161 11.85 -21.36 -46.85
CA ARG D 161 11.51 -20.00 -47.31
C ARG D 161 11.66 -19.14 -46.08
N GLN D 162 12.51 -18.13 -46.17
CA GLN D 162 12.77 -17.20 -45.10
C GLN D 162 12.15 -15.85 -45.33
N ASN D 163 12.11 -15.38 -46.56
CA ASN D 163 11.57 -14.04 -46.80
C ASN D 163 10.02 -14.04 -46.82
N GLY D 164 9.42 -12.99 -46.26
CA GLY D 164 7.96 -12.85 -46.30
C GLY D 164 7.30 -13.42 -45.05
N VAL D 165 8.11 -13.76 -44.05
CA VAL D 165 7.63 -14.43 -42.80
C VAL D 165 7.58 -13.46 -41.66
N LEU D 166 6.41 -13.31 -41.07
CA LEU D 166 6.25 -12.51 -39.89
C LEU D 166 5.63 -13.28 -38.77
N ASN D 167 6.33 -13.20 -37.66
CA ASN D 167 5.97 -13.87 -36.44
C ASN D 167 5.45 -12.88 -35.41
N SER D 168 4.55 -13.40 -34.56
CA SER D 168 4.07 -12.76 -33.36
C SER D 168 3.90 -13.75 -32.20
N TRP D 169 4.36 -13.39 -31.03
CA TRP D 169 4.31 -14.19 -29.85
C TRP D 169 3.43 -13.58 -28.78
N THR D 170 2.60 -14.37 -28.11
CA THR D 170 1.86 -13.89 -26.97
C THR D 170 2.79 -13.80 -25.77
N ASP D 171 2.41 -12.98 -24.77
CA ASP D 171 2.95 -13.10 -23.45
C ASP D 171 2.38 -14.31 -22.70
N GLN D 172 2.95 -14.61 -21.56
CA GLN D 172 2.58 -15.82 -20.86
C GLN D 172 1.06 -15.79 -20.55
N ASP D 173 0.34 -16.86 -20.86
CA ASP D 173 -1.11 -16.90 -20.56
C ASP D 173 -1.40 -16.77 -19.04
N SER D 174 -2.31 -15.86 -18.67
CA SER D 174 -2.61 -15.63 -17.26
C SER D 174 -3.27 -16.81 -16.56
N LYS D 175 -3.89 -17.74 -17.30
CA LYS D 175 -4.60 -18.89 -16.71
C LYS D 175 -3.85 -20.19 -16.74
N ASP D 176 -3.13 -20.49 -17.84
CA ASP D 176 -2.50 -21.79 -17.93
C ASP D 176 -0.99 -21.73 -18.11
N SER D 177 -0.47 -20.52 -18.17
CA SER D 177 1.05 -20.29 -18.08
C SER D 177 1.77 -20.73 -19.37
N THR D 178 1.00 -21.02 -20.40
CA THR D 178 1.59 -21.32 -21.72
C THR D 178 1.86 -20.09 -22.56
N TYR D 179 2.63 -20.31 -23.67
CA TYR D 179 2.88 -19.34 -24.71
C TYR D 179 2.22 -19.78 -26.04
N SER D 180 1.91 -18.83 -26.89
CA SER D 180 1.43 -19.15 -28.26
C SER D 180 2.19 -18.26 -29.27
N MET D 181 2.29 -18.72 -30.49
CA MET D 181 2.90 -17.96 -31.53
C MET D 181 2.13 -18.09 -32.82
N SER D 182 2.08 -17.02 -33.62
N SER D 182 2.15 -17.01 -33.60
CA SER D 182 1.56 -17.13 -35.00
CA SER D 182 1.61 -17.02 -34.94
C SER D 182 2.74 -16.85 -35.94
C SER D 182 2.72 -16.77 -35.99
N SER D 183 2.75 -17.54 -37.08
CA SER D 183 3.78 -17.31 -38.12
C SER D 183 3.01 -17.21 -39.46
N THR D 184 3.23 -16.13 -40.20
CA THR D 184 2.48 -15.85 -41.39
C THR D 184 3.51 -15.68 -42.50
N LEU D 185 3.34 -16.44 -43.57
CA LEU D 185 4.10 -16.30 -44.79
C LEU D 185 3.31 -15.54 -45.85
N THR D 186 3.81 -14.36 -46.23
CA THR D 186 3.04 -13.53 -47.16
C THR D 186 3.71 -13.49 -48.55
N LEU D 187 2.95 -13.85 -49.57
CA LEU D 187 3.39 -13.88 -50.95
C LEU D 187 2.37 -13.15 -51.81
N THR D 188 2.75 -12.88 -53.04
CA THR D 188 1.77 -12.45 -54.03
C THR D 188 0.97 -13.68 -54.44
N LYS D 189 -0.23 -13.45 -54.94
CA LYS D 189 -1.08 -14.47 -55.50
C LYS D 189 -0.33 -15.20 -56.59
N ASP D 190 0.48 -14.48 -57.35
CA ASP D 190 1.18 -15.09 -58.51
C ASP D 190 2.25 -16.05 -58.03
N GLU D 191 3.08 -15.57 -57.11
CA GLU D 191 4.13 -16.39 -56.46
C GLU D 191 3.53 -17.60 -55.76
N TYR D 192 2.45 -17.39 -55.00
CA TYR D 192 1.78 -18.50 -54.30
C TYR D 192 1.35 -19.55 -55.30
N GLU D 193 0.85 -19.12 -56.46
CA GLU D 193 0.27 -20.08 -57.42
C GLU D 193 1.36 -20.87 -58.19
N ARG D 194 2.58 -20.36 -58.14
CA ARG D 194 3.77 -21.01 -58.72
C ARG D 194 4.25 -22.21 -57.88
N HIS D 195 3.67 -22.46 -56.69
CA HIS D 195 4.02 -23.68 -55.95
C HIS D 195 2.86 -24.46 -55.40
N ASN D 196 3.16 -25.62 -54.83
CA ASN D 196 2.14 -26.55 -54.41
C ASN D 196 2.11 -26.83 -52.89
N SER D 197 3.12 -27.51 -52.35
CA SER D 197 3.20 -27.92 -50.95
C SER D 197 3.69 -26.76 -50.05
N TYR D 198 2.90 -26.39 -49.01
CA TYR D 198 3.24 -25.36 -48.06
C TYR D 198 3.26 -26.01 -46.69
N THR D 199 4.38 -25.89 -46.01
CA THR D 199 4.67 -26.58 -44.81
C THR D 199 5.19 -25.63 -43.72
N CYS D 200 4.65 -25.80 -42.51
N CYS D 200 4.63 -25.66 -42.52
CA CYS D 200 5.13 -25.17 -41.31
CA CYS D 200 5.35 -25.10 -41.40
C CYS D 200 5.75 -26.25 -40.41
C CYS D 200 5.77 -26.20 -40.46
N GLU D 201 6.98 -26.07 -39.96
CA GLU D 201 7.60 -27.05 -39.06
C GLU D 201 7.99 -26.40 -37.74
N ALA D 202 7.49 -26.95 -36.64
CA ALA D 202 7.80 -26.46 -35.31
C ALA D 202 8.79 -27.31 -34.60
N THR D 203 9.88 -26.67 -34.17
CA THR D 203 10.93 -27.30 -33.35
C THR D 203 10.85 -26.72 -31.93
N HIS D 204 10.72 -27.62 -30.98
CA HIS D 204 10.61 -27.27 -29.54
C HIS D 204 11.21 -28.33 -28.66
N LYS D 205 11.57 -27.98 -27.42
CA LYS D 205 12.32 -28.89 -26.57
C LYS D 205 11.57 -30.17 -26.28
N THR D 206 10.23 -30.15 -26.39
CA THR D 206 9.45 -31.34 -26.09
C THR D 206 9.50 -32.46 -27.10
N SER D 207 10.18 -32.30 -28.23
CA SER D 207 10.36 -33.38 -29.19
C SER D 207 11.66 -33.28 -29.88
N THR D 208 12.30 -34.41 -30.12
CA THR D 208 13.54 -34.44 -30.87
C THR D 208 13.31 -34.28 -32.38
N SER D 209 12.08 -34.43 -32.86
CA SER D 209 11.70 -34.18 -34.24
C SER D 209 10.57 -33.10 -34.38
N PRO D 210 10.54 -32.39 -35.51
CA PRO D 210 9.54 -31.33 -35.61
C PRO D 210 8.13 -31.82 -35.76
N ILE D 211 7.18 -30.95 -35.41
CA ILE D 211 5.77 -31.16 -35.74
C ILE D 211 5.52 -30.52 -37.06
N VAL D 212 4.96 -31.25 -38.01
CA VAL D 212 4.89 -30.81 -39.37
C VAL D 212 3.42 -30.70 -39.70
N LYS D 213 3.01 -29.51 -40.15
CA LYS D 213 1.69 -29.35 -40.74
C LYS D 213 1.86 -28.82 -42.14
N SER D 214 1.08 -29.36 -43.09
CA SER D 214 1.23 -29.08 -44.45
C SER D 214 -0.06 -29.13 -45.24
N PHE D 215 -0.19 -28.39 -46.30
CA PHE D 215 -1.23 -28.64 -47.30
C PHE D 215 -0.71 -28.47 -48.74
N ASN D 216 -1.40 -29.06 -49.71
CA ASN D 216 -1.06 -28.83 -51.12
C ASN D 216 -2.07 -27.92 -51.76
N ARG D 217 -1.63 -26.80 -52.34
CA ARG D 217 -2.51 -25.81 -52.98
C ARG D 217 -3.39 -26.48 -54.07
N ASN D 218 -2.83 -27.41 -54.82
CA ASN D 218 -3.60 -28.14 -55.84
C ASN D 218 -4.85 -28.88 -55.34
N GLU D 219 -5.04 -28.90 -54.01
CA GLU D 219 -6.19 -29.59 -53.37
C GLU D 219 -7.04 -28.72 -52.42
N CYS D 220 -6.90 -27.39 -52.49
CA CYS D 220 -7.66 -26.45 -51.65
C CYS D 220 -8.57 -25.56 -52.50
N SER E 2 -17.92 -32.43 7.36
CA SER E 2 -16.93 -31.42 7.90
C SER E 2 -17.37 -29.98 7.56
N LEU E 3 -18.67 -29.70 7.76
CA LEU E 3 -19.35 -28.53 7.17
C LEU E 3 -18.94 -27.16 7.72
N LEU E 4 -18.69 -26.22 6.78
CA LEU E 4 -18.23 -24.87 7.17
C LEU E 4 -19.34 -23.89 7.52
N THR E 5 -19.08 -23.14 8.60
CA THR E 5 -20.02 -22.19 9.18
C THR E 5 -19.16 -20.94 9.51
N GLU E 6 -19.83 -19.91 9.97
CA GLU E 6 -19.15 -18.71 10.45
C GLU E 6 -18.12 -18.99 11.53
N VAL E 7 -18.22 -20.11 12.23
CA VAL E 7 -17.18 -20.48 13.20
C VAL E 7 -15.82 -20.79 12.61
N GLU E 8 -15.82 -21.44 11.43
CA GLU E 8 -14.60 -21.90 10.77
C GLU E 8 -14.00 -20.91 9.79
N THR E 9 -14.83 -20.08 9.15
CA THR E 9 -14.42 -19.10 8.16
C THR E 9 -15.26 -17.84 8.20
N PRO E 10 -14.63 -16.67 7.98
CA PRO E 10 -15.39 -15.40 7.92
C PRO E 10 -16.06 -15.08 6.59
N ILE E 11 -15.95 -16.02 5.64
CA ILE E 11 -16.45 -15.80 4.26
C ILE E 11 -17.84 -16.47 4.04
N ARG E 12 -18.87 -15.67 3.84
CA ARG E 12 -20.25 -16.13 3.76
C ARG E 12 -20.44 -17.16 2.64
N ASN E 13 -19.79 -16.87 1.51
CA ASN E 13 -19.75 -17.76 0.33
C ASN E 13 -19.40 -19.20 0.63
N GLU E 14 -18.51 -19.41 1.61
CA GLU E 14 -17.95 -20.71 1.95
C GLU E 14 -18.79 -21.55 2.91
N TRP E 15 -19.89 -21.02 3.44
CA TRP E 15 -20.70 -21.77 4.40
C TRP E 15 -21.71 -22.69 3.68
N GLY E 16 -21.85 -23.93 4.19
CA GLY E 16 -22.64 -25.00 3.56
C GLY E 16 -24.12 -24.79 3.74
N LEU F 3 30.61 25.24 -9.88
CA LEU F 3 29.65 24.84 -8.80
C LEU F 3 28.66 23.80 -9.35
N LEU F 4 28.86 22.56 -8.94
CA LEU F 4 28.07 21.46 -9.51
C LEU F 4 26.65 21.41 -9.03
N THR F 5 25.77 20.93 -9.90
CA THR F 5 24.34 20.80 -9.65
C THR F 5 23.93 19.38 -10.12
N GLU F 6 22.67 19.07 -9.93
CA GLU F 6 22.09 17.82 -10.44
C GLU F 6 22.27 17.69 -11.96
N VAL F 7 22.43 18.82 -12.70
CA VAL F 7 22.63 18.70 -14.14
C VAL F 7 23.95 18.02 -14.49
N GLU F 8 24.96 18.27 -13.64
CA GLU F 8 26.35 17.86 -13.91
C GLU F 8 26.74 16.50 -13.30
N THR F 9 26.15 16.17 -12.17
CA THR F 9 26.43 14.96 -11.45
C THR F 9 25.20 14.45 -10.74
N PRO F 10 25.08 13.10 -10.63
CA PRO F 10 23.88 12.55 -9.96
C PRO F 10 24.03 12.39 -8.43
N ILE F 11 25.19 12.75 -7.91
CA ILE F 11 25.58 12.53 -6.54
C ILE F 11 25.34 13.81 -5.71
N ARG F 12 24.38 13.75 -4.82
CA ARG F 12 23.90 14.90 -4.05
C ARG F 12 25.05 15.56 -3.27
N ASN F 13 25.95 14.76 -2.69
CA ASN F 13 27.19 15.14 -2.01
C ASN F 13 28.09 16.12 -2.74
N GLU F 14 28.06 16.04 -4.06
CA GLU F 14 28.89 16.83 -4.94
C GLU F 14 28.29 18.21 -5.32
N TRP F 15 27.04 18.49 -4.98
CA TRP F 15 26.44 19.79 -5.38
C TRP F 15 26.76 20.89 -4.37
N GLY F 16 26.74 22.14 -4.83
CA GLY F 16 27.08 23.27 -3.96
C GLY F 16 28.54 23.59 -4.11
#